data_3IGU
#
_entry.id   3IGU
#
_cell.length_a   151.612
_cell.length_b   113.649
_cell.length_c   68.415
_cell.angle_alpha   90.000
_cell.angle_beta   96.140
_cell.angle_gamma   90.000
#
_symmetry.space_group_name_H-M   'C 1 2 1'
#
loop_
_entity.id
_entity.type
_entity.pdbx_description
1 polymer Alpha-N-acetylgalactosaminidase
2 branched 2-acetamido-2-deoxy-beta-D-glucopyranose-(1-4)-2-acetamido-2-deoxy-beta-D-glucopyranose
3 branched alpha-D-mannopyranose-(1-3)-[alpha-D-mannopyranose-(1-6)]beta-D-mannopyranose-(1-4)-2-acetamido-2-deoxy-beta-D-glucopyranose-(1-4)-2-acetamido-2-deoxy-beta-D-glucopyranose
4 branched 2-acetamido-2-deoxy-beta-D-glucopyranose-(1-4)-[alpha-L-fucopyranose-(1-6)]2-acetamido-2-deoxy-beta-D-glucopyranose
5 non-polymer GLYCEROL
6 non-polymer 2-deoxy-2,2-difluoro-beta-D-lyxo-hexopyranose
7 non-polymer 2-acetamido-2-deoxy-beta-D-glucopyranose
8 water water
#
_entity_poly.entity_id   1
_entity_poly.type   'polypeptide(L)'
_entity_poly.pdbx_seq_one_letter_code
;LDNGLLQTPPMGWLAWERFRCNINCDEDPKNCISEQLFMEMADRMAQDGWRDMGYTYLNIDDCWIGGRDASGRLMPDPKR
FPHGIPFLADYVHSLGLKLGIYADMGNFTCMGYPGTTLDKVVQDAQTFAEWKVDMLKLDGCFSTPEERAQGYPKMAAALN
ATGRPIAFSCSWPAYEGGLPPRVQYSLLADICNLWRNYDDIQDSWWSVLSILNWFVEHQDILQPVAGPGHWNDPDMLLIG
NFGLSLEQSRAQMALWTVLAAPLLMSTDLRTISAQNMDILQNPLMIKINQDPLGIQGRRIHKEKSLIEVYMRPLSNKASA
LVFFSCRTDMPYRYHSSLGQLNFTGSVIYEAQDVYSGDIISGLRDETNFTVIINPSGVVMWYLYPIKNLEMSQQHHHHHH
;
_entity_poly.pdbx_strand_id   A,B
#
loop_
_chem_comp.id
_chem_comp.type
_chem_comp.name
_chem_comp.formula
7JZ D-saccharide, beta linking 2-deoxy-2,2-difluoro-beta-D-lyxo-hexopyranose 'C6 H10 F2 O5'
BMA D-saccharide, beta linking beta-D-mannopyranose 'C6 H12 O6'
FUC L-saccharide, alpha linking alpha-L-fucopyranose 'C6 H12 O5'
GOL non-polymer GLYCEROL 'C3 H8 O3'
MAN D-saccharide, alpha linking alpha-D-mannopyranose 'C6 H12 O6'
NAG D-saccharide, beta linking 2-acetamido-2-deoxy-beta-D-glucopyranose 'C8 H15 N O6'
#
# COMPACT_ATOMS: atom_id res chain seq x y z
N LEU A 1 -24.99 -0.28 -24.58
CA LEU A 1 -25.13 -0.82 -25.96
C LEU A 1 -26.19 -1.91 -25.97
N ASP A 2 -27.14 -1.78 -26.90
CA ASP A 2 -28.34 -2.62 -26.92
C ASP A 2 -28.13 -3.94 -27.67
N ASN A 3 -27.09 -4.67 -27.30
CA ASN A 3 -26.77 -5.96 -27.92
C ASN A 3 -27.09 -7.15 -27.01
N GLY A 4 -27.83 -6.89 -25.94
CA GLY A 4 -28.24 -7.93 -25.00
C GLY A 4 -27.13 -8.47 -24.12
N LEU A 5 -25.96 -7.83 -24.18
CA LEU A 5 -24.81 -8.28 -23.40
C LEU A 5 -24.55 -7.43 -22.17
N LEU A 6 -24.01 -8.07 -21.14
CA LEU A 6 -23.51 -7.37 -19.97
C LEU A 6 -24.64 -6.61 -19.24
N GLN A 7 -25.75 -7.31 -19.05
CA GLN A 7 -26.85 -6.82 -18.25
C GLN A 7 -26.41 -6.66 -16.81
N THR A 8 -25.34 -7.37 -16.44
CA THR A 8 -24.60 -7.12 -15.20
C THR A 8 -23.16 -6.80 -15.58
N PRO A 9 -22.38 -6.18 -14.66
CA PRO A 9 -20.99 -5.87 -15.00
C PRO A 9 -20.19 -7.14 -15.38
N PRO A 10 -19.28 -7.02 -16.36
CA PRO A 10 -18.51 -8.21 -16.73
C PRO A 10 -17.59 -8.65 -15.61
N MET A 11 -17.41 -9.96 -15.51
CA MET A 11 -16.50 -10.55 -14.55
C MET A 11 -15.53 -11.45 -15.32
N GLY A 12 -14.25 -11.33 -15.00
CA GLY A 12 -13.27 -12.19 -15.62
C GLY A 12 -11.86 -11.79 -15.27
N TRP A 13 -10.96 -12.01 -16.22
CA TRP A 13 -9.53 -11.81 -16.03
C TRP A 13 -9.00 -11.11 -17.27
N LEU A 14 -8.13 -10.12 -17.05
CA LEU A 14 -7.53 -9.34 -18.12
C LEU A 14 -6.01 -9.38 -17.94
N ALA A 15 -5.25 -9.58 -19.02
CA ALA A 15 -3.80 -9.79 -18.93
C ALA A 15 -2.98 -8.59 -18.45
N TRP A 16 -3.45 -7.38 -18.74
CA TRP A 16 -2.57 -6.20 -18.79
C TRP A 16 -1.87 -5.79 -17.50
N GLU A 17 -2.63 -5.60 -16.41
CA GLU A 17 -2.05 -4.98 -15.22
C GLU A 17 -0.86 -5.79 -14.68
N ARG A 18 -1.04 -7.11 -14.58
CA ARG A 18 -0.01 -7.97 -14.01
C ARG A 18 1.10 -8.34 -15.00
N PHE A 19 0.74 -8.58 -16.26
CA PHE A 19 1.69 -9.17 -17.21
C PHE A 19 2.17 -8.21 -18.30
N ARG A 20 1.47 -7.10 -18.45
CA ARG A 20 1.88 -6.00 -19.33
C ARG A 20 2.29 -6.44 -20.73
N CYS A 21 3.38 -5.86 -21.24
CA CYS A 21 3.87 -6.16 -22.58
C CYS A 21 5.15 -7.01 -22.54
N ASN A 22 5.19 -7.98 -21.64
CA ASN A 22 6.31 -8.90 -21.53
C ASN A 22 6.30 -9.89 -22.69
N ILE A 23 7.19 -9.69 -23.65
CA ILE A 23 7.23 -10.55 -24.84
C ILE A 23 8.47 -11.46 -24.86
N ASN A 24 9.24 -11.43 -23.78
CA ASN A 24 10.47 -12.20 -23.68
C ASN A 24 10.18 -13.63 -23.22
N CYS A 25 9.64 -14.44 -24.13
CA CYS A 25 9.32 -15.83 -23.81
C CYS A 25 10.55 -16.74 -23.68
N ASP A 26 11.66 -16.34 -24.30
CA ASP A 26 12.91 -17.11 -24.20
C ASP A 26 13.43 -17.12 -22.76
N GLU A 27 13.49 -15.95 -22.14
CA GLU A 27 13.97 -15.83 -20.77
C GLU A 27 12.87 -15.99 -19.72
N ASP A 28 11.63 -15.63 -20.09
CA ASP A 28 10.52 -15.63 -19.14
C ASP A 28 9.28 -16.39 -19.68
N PRO A 29 9.45 -17.69 -20.00
CA PRO A 29 8.35 -18.44 -20.65
C PRO A 29 7.03 -18.50 -19.88
N LYS A 30 7.10 -18.47 -18.55
CA LYS A 30 5.90 -18.61 -17.72
C LYS A 30 5.05 -17.35 -17.65
N ASN A 31 5.66 -16.19 -17.91
CA ASN A 31 4.99 -14.91 -17.67
C ASN A 31 4.86 -14.00 -18.89
N CYS A 32 5.45 -14.41 -20.00
CA CYS A 32 5.38 -13.62 -21.23
C CYS A 32 3.97 -13.70 -21.82
N ILE A 33 3.62 -12.73 -22.67
CA ILE A 33 2.34 -12.77 -23.37
C ILE A 33 2.37 -13.84 -24.47
N SER A 34 1.73 -14.97 -24.19
CA SER A 34 1.74 -16.13 -25.07
C SER A 34 0.47 -16.94 -24.86
N GLU A 35 0.18 -17.81 -25.82
CA GLU A 35 -1.00 -18.66 -25.75
C GLU A 35 -0.98 -19.55 -24.51
N GLN A 36 0.21 -19.98 -24.10
CA GLN A 36 0.40 -20.78 -22.89
C GLN A 36 -0.10 -20.04 -21.63
N LEU A 37 0.19 -18.75 -21.53
CA LEU A 37 -0.27 -17.95 -20.39
C LEU A 37 -1.80 -17.97 -20.31
N PHE A 38 -2.44 -17.74 -21.46
CA PHE A 38 -3.90 -17.69 -21.51
C PHE A 38 -4.53 -19.07 -21.27
N MET A 39 -3.91 -20.11 -21.79
CA MET A 39 -4.41 -21.46 -21.57
C MET A 39 -4.30 -21.87 -20.11
N GLU A 40 -3.18 -21.52 -19.48
CA GLU A 40 -2.96 -21.83 -18.07
C GLU A 40 -3.93 -21.07 -17.17
N MET A 41 -4.19 -19.81 -17.49
CA MET A 41 -5.17 -19.01 -16.76
C MET A 41 -6.59 -19.54 -16.93
N ALA A 42 -6.94 -19.94 -18.16
CA ALA A 42 -8.22 -20.60 -18.43
C ALA A 42 -8.38 -21.87 -17.59
N ASP A 43 -7.33 -22.70 -17.55
CA ASP A 43 -7.33 -23.89 -16.71
C ASP A 43 -7.65 -23.56 -15.27
N ARG A 44 -6.98 -22.52 -14.74
CA ARG A 44 -7.18 -22.09 -13.35
C ARG A 44 -8.61 -21.60 -13.12
N MET A 45 -9.14 -20.81 -14.05
CA MET A 45 -10.51 -20.31 -13.92
C MET A 45 -11.53 -21.46 -13.88
N ALA A 46 -11.25 -22.51 -14.65
CA ALA A 46 -12.15 -23.67 -14.71
C ALA A 46 -12.05 -24.56 -13.48
N GLN A 47 -10.83 -24.74 -12.96
CA GLN A 47 -10.58 -25.71 -11.88
C GLN A 47 -10.70 -25.14 -10.47
N ASP A 48 -10.48 -23.83 -10.33
CA ASP A 48 -10.31 -23.20 -9.00
C ASP A 48 -11.50 -22.38 -8.49
N GLY A 49 -12.66 -22.57 -9.09
CA GLY A 49 -13.88 -21.90 -8.63
C GLY A 49 -14.23 -20.57 -9.30
N TRP A 50 -13.31 -20.01 -10.08
CA TRP A 50 -13.53 -18.69 -10.69
C TRP A 50 -14.75 -18.66 -11.61
N ARG A 51 -14.77 -19.55 -12.60
CA ARG A 51 -15.91 -19.70 -13.50
C ARG A 51 -17.21 -19.89 -12.73
N ASP A 52 -17.20 -20.81 -11.76
CA ASP A 52 -18.39 -21.09 -10.96
C ASP A 52 -18.91 -19.89 -10.17
N MET A 53 -18.02 -18.96 -9.83
CA MET A 53 -18.41 -17.74 -9.11
C MET A 53 -18.85 -16.63 -10.05
N GLY A 54 -18.67 -16.84 -11.36
CA GLY A 54 -19.11 -15.87 -12.38
C GLY A 54 -18.01 -15.20 -13.17
N TYR A 55 -16.76 -15.49 -12.82
CA TYR A 55 -15.63 -14.98 -13.59
C TYR A 55 -15.53 -15.75 -14.91
N THR A 56 -16.05 -15.18 -15.98
CA THR A 56 -16.17 -15.91 -17.25
C THR A 56 -15.29 -15.42 -18.40
N TYR A 57 -14.96 -14.13 -18.40
CA TYR A 57 -14.12 -13.56 -19.46
C TYR A 57 -12.64 -13.77 -19.20
N LEU A 58 -11.93 -14.23 -20.24
CA LEU A 58 -10.48 -14.31 -20.22
C LEU A 58 -9.99 -13.42 -21.35
N ASN A 59 -9.39 -12.28 -21.00
CA ASN A 59 -9.16 -11.21 -21.98
C ASN A 59 -7.70 -10.95 -22.30
N ILE A 60 -7.35 -11.07 -23.58
CA ILE A 60 -6.05 -10.70 -24.11
C ILE A 60 -6.01 -9.18 -24.16
N ASP A 61 -4.84 -8.60 -23.84
CA ASP A 61 -4.66 -7.15 -23.96
C ASP A 61 -3.60 -6.85 -25.04
N ASP A 62 -2.89 -5.75 -24.89
CA ASP A 62 -1.88 -5.35 -25.88
C ASP A 62 -0.78 -6.40 -26.04
N CYS A 63 -0.08 -6.30 -27.16
CA CYS A 63 1.16 -7.05 -27.46
C CYS A 63 0.93 -8.49 -27.89
N TRP A 64 -0.26 -8.77 -28.43
CA TRP A 64 -0.55 -10.08 -28.97
C TRP A 64 -0.32 -10.14 -30.49
N ILE A 65 -0.31 -8.98 -31.14
CA ILE A 65 -0.36 -8.91 -32.62
C ILE A 65 1.00 -9.23 -33.27
N GLY A 66 0.95 -9.99 -34.36
CA GLY A 66 2.14 -10.32 -35.13
C GLY A 66 2.34 -9.44 -36.35
N GLY A 67 1.24 -8.91 -36.87
CA GLY A 67 1.26 -8.11 -38.09
C GLY A 67 -0.05 -8.27 -38.84
N ARG A 68 -0.03 -7.95 -40.13
CA ARG A 68 -1.17 -8.17 -41.03
C ARG A 68 -0.72 -9.03 -42.19
N ASP A 69 -1.58 -9.93 -42.65
CA ASP A 69 -1.19 -10.83 -43.74
C ASP A 69 -1.42 -10.19 -45.11
N ALA A 70 -1.20 -10.95 -46.18
CA ALA A 70 -1.29 -10.40 -47.55
C ALA A 70 -2.67 -9.83 -47.88
N SER A 71 -3.70 -10.24 -47.14
CA SER A 71 -5.05 -9.70 -47.28
C SER A 71 -5.35 -8.54 -46.32
N GLY A 72 -4.34 -8.11 -45.57
CA GLY A 72 -4.51 -7.04 -44.56
C GLY A 72 -5.18 -7.50 -43.28
N ARG A 73 -5.26 -8.81 -43.11
CA ARG A 73 -5.95 -9.44 -41.99
C ARG A 73 -5.00 -9.61 -40.80
N LEU A 74 -5.49 -9.22 -39.63
CA LEU A 74 -4.72 -9.22 -38.39
C LEU A 74 -4.25 -10.64 -38.02
N MET A 75 -3.00 -10.74 -37.56
CA MET A 75 -2.40 -12.00 -37.18
C MET A 75 -1.79 -11.85 -35.80
N PRO A 76 -1.90 -12.91 -34.97
CA PRO A 76 -1.19 -12.94 -33.71
C PRO A 76 0.30 -13.21 -33.95
N ASP A 77 1.14 -12.94 -32.96
CA ASP A 77 2.55 -13.28 -33.06
C ASP A 77 2.71 -14.80 -33.22
N PRO A 78 3.27 -15.25 -34.37
CA PRO A 78 3.35 -16.68 -34.66
C PRO A 78 4.24 -17.43 -33.67
N LYS A 79 5.21 -16.76 -33.08
CA LYS A 79 6.11 -17.39 -32.11
C LYS A 79 5.48 -17.56 -30.72
N ARG A 80 4.57 -16.65 -30.37
CA ARG A 80 3.97 -16.67 -29.03
C ARG A 80 2.56 -17.24 -29.05
N PHE A 81 1.93 -17.22 -30.22
CA PHE A 81 0.62 -17.81 -30.43
C PHE A 81 0.66 -18.76 -31.65
N PRO A 82 1.51 -19.82 -31.60
CA PRO A 82 1.68 -20.68 -32.77
C PRO A 82 0.41 -21.39 -33.26
N HIS A 83 -0.56 -21.61 -32.38
CA HIS A 83 -1.82 -22.29 -32.75
C HIS A 83 -2.88 -21.33 -33.30
N GLY A 84 -2.69 -20.03 -33.12
CA GLY A 84 -3.65 -19.03 -33.58
C GLY A 84 -4.77 -18.76 -32.59
N ILE A 85 -5.50 -17.67 -32.81
CA ILE A 85 -6.56 -17.25 -31.88
C ILE A 85 -7.80 -18.17 -31.92
N PRO A 86 -8.24 -18.62 -33.11
CA PRO A 86 -9.37 -19.56 -33.12
C PRO A 86 -9.13 -20.76 -32.20
N PHE A 87 -7.91 -21.29 -32.21
CA PHE A 87 -7.52 -22.36 -31.27
C PHE A 87 -7.79 -21.98 -29.82
N LEU A 88 -7.42 -20.76 -29.45
CA LEU A 88 -7.53 -20.30 -28.08
C LEU A 88 -8.98 -20.05 -27.68
N ALA A 89 -9.74 -19.44 -28.59
CA ALA A 89 -11.19 -19.26 -28.40
C ALA A 89 -11.91 -20.60 -28.21
N ASP A 90 -11.55 -21.59 -29.03
CA ASP A 90 -12.15 -22.92 -28.93
C ASP A 90 -11.81 -23.59 -27.61
N TYR A 91 -10.56 -23.41 -27.18
CA TYR A 91 -10.08 -23.97 -25.93
C TYR A 91 -10.83 -23.36 -24.76
N VAL A 92 -10.88 -22.02 -24.76
CA VAL A 92 -11.55 -21.25 -23.74
C VAL A 92 -13.06 -21.56 -23.69
N HIS A 93 -13.70 -21.64 -24.85
CA HIS A 93 -15.12 -22.00 -24.93
C HIS A 93 -15.41 -23.41 -24.39
N SER A 94 -14.49 -24.34 -24.62
CA SER A 94 -14.67 -25.72 -24.13
C SER A 94 -14.63 -25.80 -22.61
N LEU A 95 -14.12 -24.75 -21.97
CA LEU A 95 -14.07 -24.70 -20.51
C LEU A 95 -15.21 -23.87 -19.92
N GLY A 96 -16.13 -23.43 -20.76
CA GLY A 96 -17.27 -22.61 -20.32
C GLY A 96 -16.90 -21.15 -20.11
N LEU A 97 -15.81 -20.72 -20.73
CA LEU A 97 -15.34 -19.35 -20.62
C LEU A 97 -15.51 -18.59 -21.94
N LYS A 98 -15.29 -17.28 -21.88
CA LYS A 98 -15.37 -16.41 -23.04
C LYS A 98 -14.03 -15.75 -23.26
N LEU A 99 -13.71 -15.46 -24.53
CA LEU A 99 -12.42 -14.88 -24.88
C LEU A 99 -12.55 -13.41 -25.29
N GLY A 100 -11.77 -12.56 -24.62
CA GLY A 100 -11.71 -11.17 -24.99
C GLY A 100 -10.45 -10.89 -25.77
N ILE A 101 -10.48 -9.87 -26.62
CA ILE A 101 -9.30 -9.52 -27.37
C ILE A 101 -9.14 -7.99 -27.36
N TYR A 102 -8.05 -7.51 -27.93
CA TYR A 102 -7.65 -6.12 -27.82
C TYR A 102 -7.29 -5.58 -29.20
N ALA A 103 -7.72 -4.34 -29.46
CA ALA A 103 -7.30 -3.62 -30.64
C ALA A 103 -7.18 -2.15 -30.26
N ASP A 104 -6.64 -1.34 -31.17
CA ASP A 104 -6.47 0.07 -30.92
C ASP A 104 -7.01 0.87 -32.10
N MET A 105 -7.94 1.78 -31.80
CA MET A 105 -8.47 2.72 -32.76
C MET A 105 -7.40 3.79 -33.02
N GLY A 106 -6.60 3.59 -34.06
CA GLY A 106 -5.47 4.46 -34.36
C GLY A 106 -4.40 3.70 -35.13
N ASN A 107 -3.31 4.38 -35.46
CA ASN A 107 -2.23 3.81 -36.28
C ASN A 107 -1.53 2.62 -35.65
N PHE A 108 -1.38 2.66 -34.32
CA PHE A 108 -0.70 1.63 -33.56
C PHE A 108 -1.41 1.44 -32.23
N THR A 109 -1.23 0.27 -31.61
CA THR A 109 -1.64 0.10 -30.23
C THR A 109 -0.70 0.94 -29.36
N CYS A 110 -1.01 1.10 -28.09
CA CYS A 110 -0.19 1.94 -27.22
C CYS A 110 1.26 1.46 -27.15
N MET A 111 1.46 0.15 -27.27
CA MET A 111 2.82 -0.41 -27.26
C MET A 111 3.48 -0.53 -28.64
N GLY A 112 2.82 0.00 -29.67
CA GLY A 112 3.43 0.10 -31.01
C GLY A 112 3.10 -1.02 -31.99
N TYR A 113 2.17 -1.89 -31.60
CA TYR A 113 1.72 -2.99 -32.45
C TYR A 113 0.70 -2.47 -33.47
N PRO A 114 0.49 -3.21 -34.57
CA PRO A 114 -0.43 -2.75 -35.63
C PRO A 114 -1.79 -2.26 -35.13
N GLY A 115 -2.17 -1.07 -35.57
CA GLY A 115 -3.41 -0.45 -35.12
C GLY A 115 -4.57 -0.74 -36.05
N THR A 116 -5.77 -0.60 -35.51
CA THR A 116 -7.01 -0.69 -36.27
C THR A 116 -7.38 0.72 -36.70
N THR A 117 -6.88 1.13 -37.86
CA THR A 117 -7.20 2.43 -38.43
C THR A 117 -8.64 2.41 -38.96
N LEU A 118 -9.19 3.57 -39.28
CA LEU A 118 -10.56 3.66 -39.80
C LEU A 118 -10.87 2.70 -40.95
N ASP A 119 -9.93 2.55 -41.89
CA ASP A 119 -10.13 1.65 -43.03
C ASP A 119 -9.98 0.16 -42.69
N LYS A 120 -9.62 -0.14 -41.44
CA LYS A 120 -9.46 -1.52 -41.00
C LYS A 120 -10.54 -1.97 -40.02
N VAL A 121 -11.37 -1.03 -39.58
CA VAL A 121 -12.40 -1.31 -38.55
C VAL A 121 -13.32 -2.48 -38.92
N VAL A 122 -13.88 -2.46 -40.13
CA VAL A 122 -14.80 -3.50 -40.57
C VAL A 122 -14.08 -4.86 -40.66
N GLN A 123 -12.92 -4.86 -41.31
CA GLN A 123 -12.12 -6.07 -41.50
C GLN A 123 -11.70 -6.71 -40.18
N ASP A 124 -11.27 -5.89 -39.23
CA ASP A 124 -10.86 -6.39 -37.93
C ASP A 124 -12.04 -6.95 -37.12
N ALA A 125 -13.18 -6.26 -37.17
CA ALA A 125 -14.41 -6.73 -36.53
C ALA A 125 -14.82 -8.09 -37.09
N GLN A 126 -14.75 -8.23 -38.42
CA GLN A 126 -15.09 -9.47 -39.08
C GLN A 126 -14.14 -10.59 -38.66
N THR A 127 -12.84 -10.25 -38.61
CA THR A 127 -11.81 -11.19 -38.17
C THR A 127 -12.12 -11.68 -36.75
N PHE A 128 -12.41 -10.76 -35.84
CA PHE A 128 -12.69 -11.11 -34.44
C PHE A 128 -13.93 -12.01 -34.32
N ALA A 129 -14.97 -11.70 -35.09
CA ALA A 129 -16.17 -12.52 -35.13
C ALA A 129 -15.89 -13.91 -35.69
N GLU A 130 -15.10 -13.98 -36.76
CA GLU A 130 -14.70 -15.27 -37.35
C GLU A 130 -13.90 -16.10 -36.37
N TRP A 131 -13.03 -15.44 -35.60
CA TRP A 131 -12.25 -16.11 -34.57
C TRP A 131 -13.10 -16.57 -33.39
N LYS A 132 -14.32 -16.03 -33.30
CA LYS A 132 -15.29 -16.35 -32.25
C LYS A 132 -14.91 -15.72 -30.90
N VAL A 133 -14.30 -14.54 -31.00
CA VAL A 133 -14.06 -13.66 -29.87
C VAL A 133 -15.40 -13.20 -29.27
N ASP A 134 -15.42 -12.99 -27.96
CA ASP A 134 -16.66 -12.63 -27.25
C ASP A 134 -16.66 -11.20 -26.71
N MET A 135 -15.50 -10.58 -26.69
CA MET A 135 -15.35 -9.24 -26.13
C MET A 135 -14.18 -8.54 -26.81
N LEU A 136 -14.34 -7.24 -27.05
CA LEU A 136 -13.28 -6.41 -27.60
C LEU A 136 -13.03 -5.19 -26.73
N LYS A 137 -11.76 -4.99 -26.35
CA LYS A 137 -11.33 -3.76 -25.72
C LYS A 137 -10.64 -2.94 -26.82
N LEU A 138 -11.20 -1.77 -27.13
CA LEU A 138 -10.64 -0.91 -28.18
C LEU A 138 -9.91 0.29 -27.58
N ASP A 139 -8.58 0.22 -27.51
CA ASP A 139 -7.75 1.27 -26.90
C ASP A 139 -7.71 2.49 -27.83
N GLY A 140 -7.15 3.60 -27.37
CA GLY A 140 -7.26 4.85 -28.11
C GLY A 140 -5.99 5.61 -28.40
N CYS A 141 -4.84 4.91 -28.37
CA CYS A 141 -3.56 5.56 -28.69
C CYS A 141 -3.39 5.86 -30.17
N PHE A 142 -2.49 6.80 -30.48
CA PHE A 142 -2.10 7.14 -31.85
C PHE A 142 -3.26 7.41 -32.80
N SER A 143 -4.23 8.17 -32.31
CA SER A 143 -5.35 8.64 -33.12
C SER A 143 -5.68 10.10 -32.78
N THR A 144 -6.46 10.75 -33.64
CA THR A 144 -6.96 12.10 -33.36
C THR A 144 -8.35 11.99 -32.72
N PRO A 145 -8.80 13.07 -32.03
CA PRO A 145 -10.18 13.09 -31.50
C PRO A 145 -11.26 12.77 -32.54
N GLU A 146 -11.11 13.29 -33.75
CA GLU A 146 -12.07 13.05 -34.83
C GLU A 146 -12.06 11.61 -35.35
N GLU A 147 -10.87 10.99 -35.38
CA GLU A 147 -10.74 9.59 -35.75
C GLU A 147 -11.44 8.67 -34.75
N ARG A 148 -11.35 9.01 -33.46
CA ARG A 148 -12.03 8.29 -32.41
C ARG A 148 -13.54 8.53 -32.49
N ALA A 149 -13.93 9.76 -32.80
CA ALA A 149 -15.34 10.15 -32.95
C ALA A 149 -16.03 9.37 -34.07
N GLN A 150 -15.30 9.11 -35.16
CA GLN A 150 -15.80 8.24 -36.23
C GLN A 150 -15.59 6.75 -35.91
N GLY A 151 -14.45 6.42 -35.31
CA GLY A 151 -14.01 5.02 -35.11
C GLY A 151 -14.80 4.15 -34.15
N TYR A 152 -15.15 4.69 -32.99
CA TYR A 152 -15.89 3.94 -31.99
C TYR A 152 -17.32 3.58 -32.40
N PRO A 153 -18.10 4.56 -32.94
CA PRO A 153 -19.41 4.18 -33.49
C PRO A 153 -19.28 3.21 -34.66
N LYS A 154 -18.29 3.42 -35.52
CA LYS A 154 -18.02 2.54 -36.65
C LYS A 154 -17.76 1.10 -36.21
N MET A 155 -16.98 0.94 -35.12
CA MET A 155 -16.67 -0.39 -34.61
C MET A 155 -17.89 -1.09 -34.04
N ALA A 156 -18.68 -0.34 -33.26
CA ALA A 156 -19.93 -0.86 -32.71
C ALA A 156 -20.83 -1.41 -33.81
N ALA A 157 -21.01 -0.61 -34.87
CA ALA A 157 -21.82 -1.00 -36.03
C ALA A 157 -21.22 -2.20 -36.74
N ALA A 158 -19.90 -2.18 -36.93
CA ALA A 158 -19.18 -3.28 -37.58
C ALA A 158 -19.28 -4.60 -36.82
N LEU A 159 -19.13 -4.56 -35.50
CA LEU A 159 -19.30 -5.76 -34.66
C LEU A 159 -20.73 -6.27 -34.76
N ASN A 160 -21.69 -5.35 -34.70
CA ASN A 160 -23.09 -5.68 -34.88
C ASN A 160 -23.36 -6.42 -36.18
N ALA A 161 -22.83 -5.89 -37.28
CA ALA A 161 -23.03 -6.45 -38.62
C ALA A 161 -22.52 -7.88 -38.77
N THR A 162 -21.53 -8.26 -37.96
CA THR A 162 -21.00 -9.63 -38.00
C THR A 162 -22.04 -10.67 -37.61
N GLY A 163 -23.05 -10.22 -36.85
CA GLY A 163 -24.06 -11.13 -36.32
C GLY A 163 -23.63 -11.84 -35.04
N ARG A 164 -22.38 -11.68 -34.63
CA ARG A 164 -21.92 -12.28 -33.38
C ARG A 164 -21.99 -11.27 -32.22
N PRO A 165 -22.65 -11.65 -31.12
CA PRO A 165 -22.64 -10.76 -29.95
C PRO A 165 -21.22 -10.65 -29.36
N ILE A 166 -20.68 -9.45 -29.38
CA ILE A 166 -19.33 -9.20 -28.88
C ILE A 166 -19.40 -8.01 -27.93
N ALA A 167 -19.13 -8.24 -26.64
CA ALA A 167 -19.10 -7.17 -25.67
C ALA A 167 -18.07 -6.11 -26.07
N PHE A 168 -18.46 -4.85 -25.98
CA PHE A 168 -17.63 -3.77 -26.49
C PHE A 168 -17.16 -2.83 -25.37
N SER A 169 -15.85 -2.85 -25.13
CA SER A 169 -15.20 -2.07 -24.08
C SER A 169 -14.44 -0.91 -24.74
N CYS A 170 -14.88 0.32 -24.47
CA CYS A 170 -14.38 1.50 -25.17
C CYS A 170 -13.49 2.38 -24.30
N SER A 171 -12.25 2.57 -24.71
CA SER A 171 -11.32 3.44 -23.96
C SER A 171 -11.48 4.92 -24.34
N TRP A 172 -12.36 5.19 -25.30
CA TRP A 172 -12.58 6.54 -25.86
C TRP A 172 -12.56 7.68 -24.81
N PRO A 173 -13.44 7.62 -23.78
CA PRO A 173 -13.47 8.76 -22.84
C PRO A 173 -12.14 9.06 -22.16
N ALA A 174 -11.40 8.00 -21.78
CA ALA A 174 -10.08 8.16 -21.12
C ALA A 174 -9.12 9.06 -21.89
N TYR A 175 -9.24 9.06 -23.21
CA TYR A 175 -8.35 9.86 -24.06
C TYR A 175 -8.88 11.27 -24.33
N GLU A 176 -10.07 11.57 -23.80
CA GLU A 176 -10.73 12.87 -23.99
C GLU A 176 -10.91 13.60 -22.66
N GLY A 177 -10.27 13.11 -21.60
CA GLY A 177 -10.38 13.72 -20.28
C GLY A 177 -11.53 13.16 -19.44
N GLY A 178 -12.33 12.30 -20.05
CA GLY A 178 -13.40 11.58 -19.33
C GLY A 178 -14.62 12.38 -18.91
N LEU A 179 -14.70 13.65 -19.33
CA LEU A 179 -15.78 14.54 -18.85
C LEU A 179 -16.45 15.35 -19.95
N PRO A 180 -17.71 15.75 -19.73
CA PRO A 180 -18.33 16.75 -20.61
C PRO A 180 -17.50 18.03 -20.58
N PRO A 181 -17.51 18.83 -21.67
CA PRO A 181 -18.29 18.63 -22.91
C PRO A 181 -17.70 17.64 -23.93
N ARG A 182 -16.42 17.29 -23.79
N ARG A 182 -16.42 17.28 -23.79
CA ARG A 182 -15.75 16.43 -24.77
CA ARG A 182 -15.74 16.44 -24.76
C ARG A 182 -16.32 15.01 -24.80
C ARG A 182 -16.28 15.01 -24.80
N VAL A 183 -16.69 14.50 -23.63
CA VAL A 183 -17.29 13.17 -23.55
C VAL A 183 -18.82 13.27 -23.47
N GLN A 184 -19.50 12.62 -24.42
CA GLN A 184 -20.95 12.51 -24.42
C GLN A 184 -21.36 11.14 -23.88
N TYR A 185 -21.71 11.07 -22.60
CA TYR A 185 -22.05 9.78 -21.99
C TYR A 185 -23.32 9.13 -22.54
N SER A 186 -24.26 9.94 -23.05
CA SER A 186 -25.45 9.40 -23.71
C SER A 186 -25.07 8.66 -25.00
N LEU A 187 -24.13 9.24 -25.75
CA LEU A 187 -23.58 8.57 -26.94
C LEU A 187 -22.86 7.25 -26.59
N LEU A 188 -21.98 7.29 -25.59
CA LEU A 188 -21.23 6.11 -25.14
C LEU A 188 -22.12 4.95 -24.71
N ALA A 189 -23.18 5.25 -23.97
CA ALA A 189 -24.13 4.23 -23.54
C ALA A 189 -24.80 3.56 -24.73
N ASP A 190 -24.96 4.31 -25.83
CA ASP A 190 -25.58 3.79 -27.04
C ASP A 190 -24.63 2.88 -27.83
N ILE A 191 -23.33 3.16 -27.78
CA ILE A 191 -22.39 2.47 -28.66
C ILE A 191 -21.47 1.46 -27.94
N CYS A 192 -21.43 1.52 -26.60
CA CYS A 192 -20.48 0.73 -25.82
C CYS A 192 -21.17 0.02 -24.67
N ASN A 193 -20.70 -1.18 -24.34
CA ASN A 193 -21.15 -1.93 -23.15
C ASN A 193 -20.48 -1.46 -21.86
N LEU A 194 -19.29 -0.89 -22.00
CA LEU A 194 -18.53 -0.32 -20.89
C LEU A 194 -17.45 0.58 -21.49
N TRP A 195 -16.92 1.49 -20.67
CA TRP A 195 -15.91 2.44 -21.15
C TRP A 195 -14.96 2.79 -20.03
N ARG A 196 -13.68 2.87 -20.37
CA ARG A 196 -12.66 3.31 -19.43
C ARG A 196 -12.70 4.84 -19.37
N ASN A 197 -13.15 5.36 -18.23
CA ASN A 197 -13.34 6.80 -18.00
C ASN A 197 -12.04 7.57 -17.77
N TYR A 198 -11.06 6.90 -17.16
CA TYR A 198 -9.98 7.60 -16.49
C TYR A 198 -8.64 6.86 -16.62
N ASP A 199 -7.67 7.22 -15.79
CA ASP A 199 -6.30 6.73 -15.90
C ASP A 199 -6.14 5.23 -15.67
N ASP A 200 -5.16 4.64 -16.36
CA ASP A 200 -4.73 3.28 -16.11
C ASP A 200 -4.46 3.08 -14.61
N ILE A 201 -5.03 2.02 -14.05
CA ILE A 201 -4.70 1.64 -12.69
C ILE A 201 -3.27 1.09 -12.66
N GLN A 202 -2.56 1.39 -11.58
CA GLN A 202 -1.23 0.87 -11.35
C GLN A 202 -1.27 0.12 -10.03
N ASP A 203 -0.26 -0.72 -9.78
CA ASP A 203 -0.23 -1.57 -8.58
C ASP A 203 0.19 -0.75 -7.35
N SER A 204 -0.71 0.11 -6.89
CA SER A 204 -0.47 0.96 -5.73
C SER A 204 -1.78 1.49 -5.16
N TRP A 205 -1.79 1.70 -3.85
CA TRP A 205 -2.94 2.30 -3.16
C TRP A 205 -3.21 3.72 -3.65
N TRP A 206 -2.16 4.51 -3.85
CA TRP A 206 -2.30 5.86 -4.40
C TRP A 206 -3.11 5.84 -5.70
N SER A 207 -2.81 4.87 -6.57
CA SER A 207 -3.52 4.72 -7.83
C SER A 207 -5.01 4.44 -7.59
N VAL A 208 -5.31 3.49 -6.70
CA VAL A 208 -6.69 3.20 -6.33
C VAL A 208 -7.39 4.46 -5.81
N LEU A 209 -6.69 5.22 -4.96
CA LEU A 209 -7.26 6.40 -4.33
C LEU A 209 -7.50 7.53 -5.33
N SER A 210 -6.60 7.68 -6.29
CA SER A 210 -6.76 8.73 -7.28
C SER A 210 -7.92 8.41 -8.23
N ILE A 211 -8.12 7.12 -8.49
CA ILE A 211 -9.26 6.69 -9.32
C ILE A 211 -10.58 6.88 -8.57
N LEU A 212 -10.63 6.39 -7.34
CA LEU A 212 -11.80 6.60 -6.48
C LEU A 212 -12.15 8.08 -6.35
N ASN A 213 -11.14 8.91 -6.08
CA ASN A 213 -11.35 10.34 -5.90
C ASN A 213 -11.97 10.99 -7.14
N TRP A 214 -11.45 10.64 -8.31
CA TRP A 214 -11.96 11.20 -9.56
C TRP A 214 -13.40 10.76 -9.80
N PHE A 215 -13.68 9.49 -9.55
CA PHE A 215 -15.04 8.95 -9.70
C PHE A 215 -16.03 9.62 -8.74
N VAL A 216 -15.60 9.84 -7.49
CA VAL A 216 -16.45 10.48 -6.48
C VAL A 216 -16.65 11.98 -6.75
N GLU A 217 -15.58 12.67 -7.12
CA GLU A 217 -15.65 14.10 -7.49
C GLU A 217 -16.64 14.35 -8.64
N HIS A 218 -16.81 13.35 -9.49
CA HIS A 218 -17.63 13.49 -10.69
C HIS A 218 -18.84 12.56 -10.71
N GLN A 219 -19.20 12.03 -9.54
CA GLN A 219 -20.30 11.06 -9.43
C GLN A 219 -21.68 11.57 -9.91
N ASP A 220 -21.94 12.88 -9.77
CA ASP A 220 -23.20 13.46 -10.29
C ASP A 220 -23.36 13.27 -11.80
N ILE A 221 -22.22 13.27 -12.49
CA ILE A 221 -22.16 13.00 -13.93
C ILE A 221 -22.14 11.50 -14.23
N LEU A 222 -21.28 10.77 -13.49
CA LEU A 222 -20.96 9.39 -13.82
C LEU A 222 -22.01 8.38 -13.37
N GLN A 223 -22.51 8.55 -12.15
CA GLN A 223 -23.47 7.61 -11.57
C GLN A 223 -24.73 7.35 -12.43
N PRO A 224 -25.37 8.41 -12.97
CA PRO A 224 -26.63 8.17 -13.69
C PRO A 224 -26.49 7.45 -15.03
N VAL A 225 -25.31 7.50 -15.63
CA VAL A 225 -25.11 6.94 -16.97
C VAL A 225 -24.90 5.42 -16.95
N ALA A 226 -24.62 4.87 -15.77
CA ALA A 226 -24.40 3.42 -15.62
C ALA A 226 -25.70 2.66 -15.48
N GLY A 227 -25.77 1.52 -16.16
CA GLY A 227 -26.90 0.59 -16.01
C GLY A 227 -26.65 -0.66 -16.83
N PRO A 228 -27.60 -1.62 -16.79
CA PRO A 228 -27.48 -2.84 -17.58
C PRO A 228 -27.09 -2.56 -19.02
N GLY A 229 -25.98 -3.14 -19.46
CA GLY A 229 -25.53 -3.01 -20.85
C GLY A 229 -24.63 -1.83 -21.15
N HIS A 230 -24.38 -0.98 -20.16
CA HIS A 230 -23.53 0.22 -20.32
C HIS A 230 -22.91 0.69 -19.00
N TRP A 231 -21.70 0.20 -18.69
CA TRP A 231 -21.06 0.43 -17.40
C TRP A 231 -19.91 1.44 -17.44
N ASN A 232 -19.70 2.16 -16.33
CA ASN A 232 -18.44 2.88 -16.10
C ASN A 232 -17.35 1.87 -15.72
N ASP A 233 -16.12 2.10 -16.17
CA ASP A 233 -15.03 1.17 -15.93
C ASP A 233 -13.83 1.88 -15.28
N PRO A 234 -13.71 1.79 -13.94
CA PRO A 234 -12.59 2.38 -13.19
C PRO A 234 -11.27 1.59 -13.29
N ASP A 235 -11.28 0.52 -14.10
CA ASP A 235 -10.11 -0.31 -14.42
C ASP A 235 -9.97 -1.57 -13.56
N MET A 236 -8.90 -2.31 -13.80
CA MET A 236 -8.72 -3.67 -13.27
C MET A 236 -8.58 -3.76 -11.76
N LEU A 237 -9.03 -4.89 -11.20
CA LEU A 237 -8.79 -5.20 -9.80
C LEU A 237 -7.31 -5.55 -9.58
N LEU A 238 -6.76 -5.06 -8.47
CA LEU A 238 -5.35 -5.26 -8.15
C LEU A 238 -5.13 -6.43 -7.18
N ILE A 239 -6.24 -7.00 -6.70
CA ILE A 239 -6.21 -8.03 -5.67
C ILE A 239 -5.40 -9.23 -6.17
N GLY A 240 -4.42 -9.66 -5.38
CA GLY A 240 -3.55 -10.75 -5.74
C GLY A 240 -2.14 -10.31 -6.12
N ASN A 241 -1.96 -9.00 -6.34
CA ASN A 241 -0.67 -8.48 -6.80
C ASN A 241 0.25 -7.96 -5.68
N PHE A 242 0.99 -6.87 -5.92
CA PHE A 242 2.13 -6.53 -5.06
C PHE A 242 1.93 -5.29 -4.19
N GLY A 243 1.13 -4.35 -4.67
CA GLY A 243 1.05 -3.01 -4.09
C GLY A 243 0.02 -2.79 -2.99
N LEU A 244 -1.01 -3.63 -2.95
CA LEU A 244 -2.09 -3.47 -1.97
C LEU A 244 -1.93 -4.36 -0.74
N SER A 245 -2.12 -3.77 0.44
CA SER A 245 -2.20 -4.56 1.66
C SER A 245 -3.53 -5.32 1.70
N LEU A 246 -3.68 -6.20 2.68
CA LEU A 246 -4.92 -6.93 2.87
C LEU A 246 -6.14 -5.99 2.98
N GLU A 247 -6.04 -4.96 3.82
CA GLU A 247 -7.14 -3.98 4.00
C GLU A 247 -7.46 -3.23 2.72
N GLN A 248 -6.43 -2.82 1.99
CA GLN A 248 -6.58 -2.11 0.74
C GLN A 248 -7.23 -3.01 -0.32
N SER A 249 -6.85 -4.28 -0.31
CA SER A 249 -7.41 -5.27 -1.22
C SER A 249 -8.91 -5.43 -0.99
N ARG A 250 -9.31 -5.55 0.27
CA ARG A 250 -10.72 -5.68 0.64
C ARG A 250 -11.47 -4.40 0.31
N ALA A 251 -10.79 -3.27 0.47
CA ALA A 251 -11.32 -1.96 0.11
C ALA A 251 -11.63 -1.82 -1.38
N GLN A 252 -10.66 -2.14 -2.23
CA GLN A 252 -10.90 -2.05 -3.68
C GLN A 252 -12.08 -2.91 -4.11
N MET A 253 -12.11 -4.15 -3.62
CA MET A 253 -13.20 -5.06 -3.95
C MET A 253 -14.58 -4.48 -3.59
N ALA A 254 -14.72 -4.00 -2.36
CA ALA A 254 -15.97 -3.43 -1.87
C ALA A 254 -16.38 -2.18 -2.64
N LEU A 255 -15.42 -1.29 -2.86
CA LEU A 255 -15.69 -0.02 -3.56
C LEU A 255 -16.00 -0.19 -5.04
N TRP A 256 -15.27 -1.06 -5.74
CA TRP A 256 -15.60 -1.43 -7.12
C TRP A 256 -17.02 -2.04 -7.19
N THR A 257 -17.37 -2.85 -6.21
CA THR A 257 -18.69 -3.46 -6.12
C THR A 257 -19.82 -2.42 -5.95
N VAL A 258 -19.61 -1.43 -5.08
CA VAL A 258 -20.63 -0.38 -4.91
C VAL A 258 -20.71 0.56 -6.09
N LEU A 259 -19.62 0.66 -6.87
CA LEU A 259 -19.58 1.49 -8.07
C LEU A 259 -20.15 0.78 -9.30
N ALA A 260 -20.65 -0.44 -9.11
CA ALA A 260 -21.13 -1.29 -10.21
C ALA A 260 -20.07 -1.41 -11.32
N ALA A 261 -18.82 -1.57 -10.89
CA ALA A 261 -17.68 -1.70 -11.77
C ALA A 261 -17.57 -3.12 -12.30
N PRO A 262 -16.92 -3.29 -13.46
CA PRO A 262 -16.49 -4.62 -13.89
C PRO A 262 -15.59 -5.22 -12.80
N LEU A 263 -15.73 -6.53 -12.60
CA LEU A 263 -14.82 -7.25 -11.73
C LEU A 263 -13.83 -7.98 -12.62
N LEU A 264 -12.89 -7.23 -13.16
CA LEU A 264 -11.87 -7.79 -14.04
C LEU A 264 -10.54 -7.87 -13.32
N MET A 265 -10.23 -9.08 -12.86
CA MET A 265 -8.95 -9.40 -12.24
C MET A 265 -7.81 -9.27 -13.24
N SER A 266 -6.59 -9.10 -12.71
CA SER A 266 -5.37 -9.12 -13.51
C SER A 266 -4.27 -9.46 -12.54
N THR A 267 -4.09 -10.76 -12.31
CA THR A 267 -3.19 -11.28 -11.31
C THR A 267 -2.82 -12.72 -11.72
N ASP A 268 -1.74 -13.25 -11.16
CA ASP A 268 -1.35 -14.62 -11.46
C ASP A 268 -2.21 -15.60 -10.66
N LEU A 269 -3.17 -16.23 -11.33
CA LEU A 269 -4.08 -17.20 -10.71
C LEU A 269 -3.41 -18.51 -10.33
N ARG A 270 -2.22 -18.75 -10.88
CA ARG A 270 -1.43 -19.94 -10.55
C ARG A 270 -0.82 -19.87 -9.15
N THR A 271 -0.59 -18.66 -8.64
CA THR A 271 0.11 -18.47 -7.37
C THR A 271 -0.68 -17.65 -6.34
N ILE A 272 -1.93 -17.33 -6.65
CA ILE A 272 -2.76 -16.49 -5.80
C ILE A 272 -2.98 -17.11 -4.42
N SER A 273 -2.87 -16.29 -3.37
CA SER A 273 -3.04 -16.78 -2.01
C SER A 273 -4.50 -17.13 -1.70
N ALA A 274 -4.71 -18.02 -0.74
CA ALA A 274 -6.07 -18.34 -0.28
C ALA A 274 -6.80 -17.09 0.15
N GLN A 275 -6.08 -16.20 0.83
CA GLN A 275 -6.65 -14.95 1.35
C GLN A 275 -7.21 -14.05 0.26
N ASN A 276 -6.45 -13.88 -0.82
CA ASN A 276 -6.89 -13.03 -1.92
C ASN A 276 -8.00 -13.66 -2.74
N MET A 277 -7.94 -14.98 -2.89
CA MET A 277 -9.00 -15.74 -3.53
C MET A 277 -10.30 -15.56 -2.78
N ASP A 278 -10.23 -15.60 -1.44
CA ASP A 278 -11.41 -15.44 -0.59
C ASP A 278 -12.09 -14.08 -0.76
N ILE A 279 -11.29 -13.04 -1.02
CA ILE A 279 -11.84 -11.71 -1.29
C ILE A 279 -12.61 -11.73 -2.61
N LEU A 280 -11.94 -12.17 -3.67
CA LEU A 280 -12.47 -12.15 -5.02
C LEU A 280 -13.63 -13.12 -5.24
N GLN A 281 -13.65 -14.22 -4.49
CA GLN A 281 -14.70 -15.22 -4.63
C GLN A 281 -15.81 -15.11 -3.57
N ASN A 282 -15.85 -13.98 -2.86
CA ASN A 282 -16.88 -13.72 -1.86
C ASN A 282 -18.28 -13.73 -2.50
N PRO A 283 -19.11 -14.73 -2.16
CA PRO A 283 -20.40 -14.94 -2.85
C PRO A 283 -21.37 -13.75 -2.72
N LEU A 284 -21.43 -13.16 -1.53
CA LEU A 284 -22.32 -12.04 -1.27
C LEU A 284 -21.83 -10.77 -1.98
N MET A 285 -20.52 -10.58 -1.97
CA MET A 285 -19.91 -9.46 -2.69
C MET A 285 -20.25 -9.52 -4.18
N ILE A 286 -20.11 -10.71 -4.76
CA ILE A 286 -20.42 -10.93 -6.16
C ILE A 286 -21.92 -10.71 -6.44
N LYS A 287 -22.77 -11.26 -5.58
CA LYS A 287 -24.21 -11.03 -5.66
C LYS A 287 -24.54 -9.53 -5.75
N ILE A 288 -23.93 -8.74 -4.86
CA ILE A 288 -24.13 -7.29 -4.84
C ILE A 288 -23.64 -6.62 -6.13
N ASN A 289 -22.44 -6.98 -6.56
CA ASN A 289 -21.89 -6.41 -7.79
C ASN A 289 -22.78 -6.72 -9.00
N GLN A 290 -23.31 -7.94 -9.00
CA GLN A 290 -24.13 -8.48 -10.08
C GLN A 290 -25.62 -8.21 -9.90
N ASP A 291 -25.98 -7.30 -9.00
CA ASP A 291 -27.39 -6.95 -8.77
C ASP A 291 -28.08 -6.58 -10.08
N PRO A 292 -29.25 -7.20 -10.35
CA PRO A 292 -29.97 -7.04 -11.62
C PRO A 292 -30.35 -5.59 -11.97
N LEU A 293 -30.55 -4.73 -10.96
CA LEU A 293 -30.97 -3.35 -11.24
C LEU A 293 -29.86 -2.53 -11.88
N GLY A 294 -28.61 -2.91 -11.58
CA GLY A 294 -27.44 -2.25 -12.14
C GLY A 294 -27.34 -0.77 -11.82
N ILE A 295 -27.77 -0.38 -10.63
CA ILE A 295 -27.69 1.02 -10.21
C ILE A 295 -26.34 1.27 -9.54
N GLN A 296 -25.54 2.14 -10.15
CA GLN A 296 -24.25 2.52 -9.58
C GLN A 296 -24.45 3.26 -8.27
N GLY A 297 -23.64 2.92 -7.27
CA GLY A 297 -23.68 3.58 -5.97
C GLY A 297 -22.98 4.93 -5.94
N ARG A 298 -23.05 5.59 -4.78
N ARG A 298 -23.04 5.56 -4.78
CA ARG A 298 -22.51 6.92 -4.60
CA ARG A 298 -22.53 6.92 -4.57
C ARG A 298 -21.87 7.03 -3.23
C ARG A 298 -21.83 7.00 -3.22
N ARG A 299 -20.91 7.95 -3.08
CA ARG A 299 -20.45 8.35 -1.76
C ARG A 299 -21.56 9.26 -1.25
N ILE A 300 -22.18 8.90 -0.14
CA ILE A 300 -23.30 9.68 0.40
C ILE A 300 -22.90 10.52 1.62
N HIS A 301 -21.73 10.24 2.18
CA HIS A 301 -21.26 10.97 3.35
C HIS A 301 -19.74 10.97 3.50
N LYS A 302 -19.22 12.11 3.95
CA LYS A 302 -17.79 12.25 4.29
C LYS A 302 -17.67 13.07 5.57
N GLU A 303 -16.68 12.74 6.39
CA GLU A 303 -16.49 13.38 7.69
C GLU A 303 -15.05 13.82 7.87
N LYS A 304 -14.83 14.82 8.74
CA LYS A 304 -13.47 15.27 9.04
C LYS A 304 -12.63 14.19 9.73
N SER A 305 -13.29 13.18 10.30
CA SER A 305 -12.61 11.99 10.80
C SER A 305 -12.01 11.15 9.65
N LEU A 306 -12.29 11.54 8.41
CA LEU A 306 -11.83 10.83 7.20
C LEU A 306 -12.51 9.48 6.97
N ILE A 307 -13.65 9.27 7.62
CA ILE A 307 -14.51 8.14 7.30
C ILE A 307 -15.48 8.55 6.20
N GLU A 308 -15.56 7.71 5.16
CA GLU A 308 -16.51 7.91 4.08
C GLU A 308 -17.53 6.80 4.10
N VAL A 309 -18.76 7.13 3.72
CA VAL A 309 -19.84 6.15 3.59
C VAL A 309 -20.35 6.12 2.15
N TYR A 310 -20.27 4.94 1.54
CA TYR A 310 -20.78 4.70 0.20
C TYR A 310 -22.05 3.86 0.29
N MET A 311 -23.01 4.16 -0.57
CA MET A 311 -24.26 3.42 -0.58
C MET A 311 -24.62 3.04 -2.01
N ARG A 312 -25.01 1.78 -2.19
CA ARG A 312 -25.54 1.32 -3.47
C ARG A 312 -26.93 0.73 -3.29
N PRO A 313 -27.92 1.21 -4.06
CA PRO A 313 -29.25 0.63 -4.04
C PRO A 313 -29.28 -0.69 -4.81
N LEU A 314 -30.02 -1.66 -4.27
CA LEU A 314 -30.07 -3.00 -4.83
C LEU A 314 -31.52 -3.47 -4.99
N SER A 315 -31.72 -4.63 -5.60
CA SER A 315 -33.08 -5.15 -5.81
C SER A 315 -33.76 -5.61 -4.51
N ASN A 316 -35.09 -5.68 -4.55
CA ASN A 316 -35.91 -6.03 -3.39
C ASN A 316 -35.67 -5.17 -2.15
N LYS A 317 -35.48 -3.87 -2.36
CA LYS A 317 -35.30 -2.88 -1.28
C LYS A 317 -34.04 -3.08 -0.44
N ALA A 318 -33.10 -3.89 -0.92
CA ALA A 318 -31.83 -4.08 -0.23
C ALA A 318 -30.87 -2.96 -0.62
N SER A 319 -29.83 -2.80 0.18
CA SER A 319 -28.79 -1.79 -0.07
C SER A 319 -27.44 -2.36 0.34
N ALA A 320 -26.39 -1.82 -0.26
CA ALA A 320 -25.03 -2.06 0.21
C ALA A 320 -24.48 -0.78 0.81
N LEU A 321 -23.86 -0.91 1.98
CA LEU A 321 -23.16 0.19 2.63
C LEU A 321 -21.68 -0.14 2.77
N VAL A 322 -20.84 0.80 2.37
CA VAL A 322 -19.39 0.66 2.59
C VAL A 322 -18.91 1.80 3.49
N PHE A 323 -18.44 1.42 4.67
CA PHE A 323 -17.81 2.37 5.59
C PHE A 323 -16.31 2.29 5.31
N PHE A 324 -15.75 3.38 4.82
CA PHE A 324 -14.40 3.40 4.31
C PHE A 324 -13.54 4.40 5.06
N SER A 325 -12.42 3.92 5.60
CA SER A 325 -11.48 4.79 6.31
C SER A 325 -10.34 5.23 5.42
N CYS A 326 -10.26 6.53 5.17
CA CYS A 326 -9.11 7.13 4.51
C CYS A 326 -8.02 7.49 5.52
N ARG A 327 -8.24 7.10 6.79
CA ARG A 327 -7.26 7.35 7.85
C ARG A 327 -6.03 6.47 7.68
N THR A 328 -4.91 6.94 8.23
CA THR A 328 -3.65 6.22 8.15
C THR A 328 -3.01 6.08 9.53
N ASP A 329 -3.84 5.93 10.56
CA ASP A 329 -3.33 5.76 11.93
C ASP A 329 -3.66 4.41 12.57
N MET A 330 -4.94 4.21 12.92
CA MET A 330 -5.36 3.02 13.67
C MET A 330 -6.84 2.71 13.41
N PRO A 331 -7.34 1.56 13.89
CA PRO A 331 -8.76 1.26 13.73
C PRO A 331 -9.64 2.38 14.32
N TYR A 332 -10.73 2.69 13.64
CA TYR A 332 -11.61 3.78 14.04
C TYR A 332 -13.01 3.27 14.34
N ARG A 333 -13.52 3.62 15.53
CA ARG A 333 -14.87 3.25 15.94
C ARG A 333 -15.84 4.29 15.41
N TYR A 334 -16.47 3.97 14.29
CA TYR A 334 -17.39 4.90 13.64
C TYR A 334 -18.81 4.70 14.17
N HIS A 335 -19.32 5.74 14.84
CA HIS A 335 -20.68 5.73 15.41
C HIS A 335 -21.64 6.40 14.44
N SER A 336 -22.75 5.72 14.15
CA SER A 336 -23.78 6.26 13.26
C SER A 336 -25.12 5.56 13.48
N SER A 337 -26.08 5.90 12.64
CA SER A 337 -27.38 5.24 12.62
C SER A 337 -27.94 5.32 11.20
N LEU A 338 -28.85 4.41 10.89
CA LEU A 338 -29.46 4.36 9.55
C LEU A 338 -30.25 5.62 9.25
N GLY A 339 -30.85 6.21 10.29
CA GLY A 339 -31.52 7.51 10.19
C GLY A 339 -30.56 8.63 9.79
N GLN A 340 -29.37 8.64 10.38
CA GLN A 340 -28.34 9.61 10.01
C GLN A 340 -27.83 9.40 8.59
N LEU A 341 -28.12 8.23 8.02
CA LEU A 341 -27.75 7.91 6.64
C LEU A 341 -28.93 7.97 5.68
N ASN A 342 -30.00 8.63 6.13
CA ASN A 342 -31.21 8.91 5.33
C ASN A 342 -32.04 7.71 4.85
N PHE A 343 -31.98 6.61 5.60
CA PHE A 343 -32.82 5.43 5.30
C PHE A 343 -34.27 5.65 5.72
N THR A 344 -35.18 4.89 5.12
CA THR A 344 -36.62 5.02 5.36
C THR A 344 -37.00 4.68 6.81
N GLY A 345 -37.73 5.59 7.44
CA GLY A 345 -38.15 5.42 8.84
C GLY A 345 -39.31 4.47 9.02
N SER A 346 -39.57 4.12 10.28
CA SER A 346 -40.58 3.11 10.65
C SER A 346 -40.44 1.82 9.83
N VAL A 347 -39.19 1.44 9.59
CA VAL A 347 -38.84 0.19 8.93
C VAL A 347 -37.74 -0.45 9.77
N ILE A 348 -37.87 -1.75 10.02
CA ILE A 348 -36.84 -2.50 10.72
C ILE A 348 -35.91 -3.14 9.68
N TYR A 349 -34.61 -3.02 9.91
CA TYR A 349 -33.60 -3.51 8.98
C TYR A 349 -32.76 -4.64 9.57
N GLU A 350 -32.12 -5.39 8.69
CA GLU A 350 -31.13 -6.36 9.07
C GLU A 350 -29.92 -6.23 8.15
N ALA A 351 -28.72 -6.36 8.73
CA ALA A 351 -27.50 -6.25 7.96
C ALA A 351 -26.64 -7.48 8.09
N GLN A 352 -26.04 -7.88 6.97
CA GLN A 352 -24.97 -8.88 6.99
C GLN A 352 -23.66 -8.19 6.65
N ASP A 353 -22.66 -8.38 7.51
CA ASP A 353 -21.30 -7.95 7.20
C ASP A 353 -20.78 -8.83 6.07
N VAL A 354 -20.46 -8.22 4.93
CA VAL A 354 -20.09 -8.98 3.73
C VAL A 354 -18.80 -9.81 3.90
N TYR A 355 -17.83 -9.29 4.66
CA TYR A 355 -16.57 -9.98 4.89
C TYR A 355 -16.58 -10.96 6.06
N SER A 356 -17.26 -10.62 7.15
CA SER A 356 -17.27 -11.49 8.34
C SER A 356 -18.45 -12.46 8.36
N GLY A 357 -19.53 -12.12 7.66
CA GLY A 357 -20.74 -12.94 7.65
C GLY A 357 -21.65 -12.77 8.85
N ASP A 358 -21.24 -11.91 9.79
CA ASP A 358 -22.05 -11.62 10.99
C ASP A 358 -23.36 -10.91 10.63
N ILE A 359 -24.42 -11.28 11.34
CA ILE A 359 -25.73 -10.69 11.10
C ILE A 359 -26.15 -9.75 12.22
N ILE A 360 -26.38 -8.48 11.87
CA ILE A 360 -26.87 -7.48 12.81
C ILE A 360 -28.36 -7.24 12.52
N SER A 361 -29.21 -7.69 13.44
CA SER A 361 -30.65 -7.70 13.21
C SER A 361 -31.42 -6.71 14.09
N GLY A 362 -32.58 -6.28 13.63
CA GLY A 362 -33.44 -5.36 14.39
C GLY A 362 -32.95 -3.93 14.46
N LEU A 363 -32.28 -3.46 13.41
CA LEU A 363 -31.86 -2.07 13.32
C LEU A 363 -33.00 -1.17 12.87
N ARG A 364 -33.34 -0.19 13.71
CA ARG A 364 -34.27 0.85 13.30
C ARG A 364 -33.43 2.07 12.90
N ASP A 365 -34.07 3.06 12.29
CA ASP A 365 -33.40 4.31 11.94
C ASP A 365 -32.71 4.97 13.14
N GLU A 366 -33.32 4.84 14.32
CA GLU A 366 -32.86 5.52 15.53
C GLU A 366 -31.75 4.74 16.23
N THR A 367 -31.61 3.46 15.88
CA THR A 367 -30.64 2.57 16.54
C THR A 367 -29.21 3.01 16.26
N ASN A 368 -28.49 3.33 17.34
CA ASN A 368 -27.08 3.67 17.24
C ASN A 368 -26.26 2.40 17.04
N PHE A 369 -25.33 2.43 16.10
CA PHE A 369 -24.41 1.33 15.91
C PHE A 369 -22.97 1.80 15.83
N THR A 370 -22.04 0.87 16.08
CA THR A 370 -20.61 1.15 15.95
C THR A 370 -20.00 0.13 14.99
N VAL A 371 -19.29 0.62 13.98
CA VAL A 371 -18.46 -0.24 13.15
C VAL A 371 -16.98 0.14 13.30
N ILE A 372 -16.13 -0.85 13.47
CA ILE A 372 -14.70 -0.62 13.64
C ILE A 372 -14.00 -0.79 12.31
N ILE A 373 -13.47 0.31 11.78
CA ILE A 373 -12.85 0.35 10.46
C ILE A 373 -11.34 0.53 10.55
N ASN A 374 -10.62 -0.41 9.95
CA ASN A 374 -9.16 -0.35 9.91
C ASN A 374 -8.69 0.68 8.89
N PRO A 375 -7.50 1.29 9.13
CA PRO A 375 -6.93 2.30 8.23
C PRO A 375 -6.81 1.78 6.81
N SER A 376 -7.14 2.62 5.84
CA SER A 376 -7.20 2.25 4.42
C SER A 376 -8.01 0.96 4.20
N GLY A 377 -9.02 0.75 5.05
CA GLY A 377 -9.85 -0.45 5.02
C GLY A 377 -11.33 -0.15 4.98
N VAL A 378 -12.16 -1.19 4.94
CA VAL A 378 -13.61 -1.02 4.89
C VAL A 378 -14.33 -1.93 5.86
N VAL A 379 -15.57 -1.56 6.16
CA VAL A 379 -16.59 -2.46 6.67
C VAL A 379 -17.73 -2.37 5.67
N MET A 380 -18.25 -3.50 5.24
CA MET A 380 -19.29 -3.52 4.22
C MET A 380 -20.52 -4.26 4.71
N TRP A 381 -21.67 -3.60 4.58
CA TRP A 381 -22.93 -4.18 5.00
C TRP A 381 -23.85 -4.43 3.82
N TYR A 382 -24.49 -5.59 3.83
CA TYR A 382 -25.62 -5.87 2.95
C TYR A 382 -26.88 -5.76 3.79
N LEU A 383 -27.70 -4.75 3.47
CA LEU A 383 -28.77 -4.31 4.35
C LEU A 383 -30.14 -4.43 3.66
N TYR A 384 -31.16 -4.83 4.42
CA TYR A 384 -32.50 -5.10 3.87
C TYR A 384 -33.58 -4.99 4.95
N PRO A 385 -34.81 -4.58 4.55
CA PRO A 385 -35.90 -4.55 5.53
C PRO A 385 -36.35 -5.94 5.96
N ILE A 386 -36.81 -6.07 7.19
CA ILE A 386 -37.38 -7.34 7.68
C ILE A 386 -38.74 -7.10 8.35
N LYS A 387 -39.58 -8.13 8.38
CA LYS A 387 -40.90 -8.04 9.03
C LYS A 387 -40.81 -8.23 10.54
N LEU B 1 25.65 11.81 20.70
CA LEU B 1 25.73 12.10 22.17
C LEU B 1 26.67 11.12 22.88
N ASP B 2 27.67 11.68 23.54
CA ASP B 2 28.73 10.88 24.18
C ASP B 2 28.32 10.40 25.57
N ASN B 3 27.24 9.61 25.64
CA ASN B 3 26.78 9.05 26.91
C ASN B 3 26.93 7.54 27.03
N GLY B 4 27.75 6.95 26.15
CA GLY B 4 27.97 5.50 26.17
C GLY B 4 26.87 4.66 25.56
N LEU B 5 25.76 5.30 25.21
CA LEU B 5 24.57 4.58 24.72
C LEU B 5 24.44 4.60 23.20
N LEU B 6 23.69 3.63 22.69
CA LEU B 6 23.31 3.53 21.27
C LEU B 6 24.49 3.60 20.29
N GLN B 7 25.53 2.81 20.57
CA GLN B 7 26.67 2.65 19.67
C GLN B 7 26.24 2.00 18.35
N THR B 8 25.07 1.36 18.39
CA THR B 8 24.35 0.92 17.21
C THR B 8 22.95 1.54 17.28
N PRO B 9 22.21 1.60 16.14
CA PRO B 9 20.89 2.23 16.21
C PRO B 9 19.99 1.52 17.22
N PRO B 10 19.10 2.28 17.90
CA PRO B 10 18.25 1.67 18.92
C PRO B 10 17.21 0.74 18.31
N MET B 11 16.97 -0.38 18.99
CA MET B 11 15.97 -1.35 18.57
C MET B 11 14.94 -1.52 19.65
N GLY B 12 13.68 -1.53 19.25
CA GLY B 12 12.61 -1.75 20.19
C GLY B 12 11.23 -1.48 19.63
N TRP B 13 10.37 -0.97 20.49
CA TRP B 13 8.95 -0.81 20.23
C TRP B 13 8.49 0.53 20.81
N LEU B 14 7.74 1.27 20.00
CA LEU B 14 7.22 2.57 20.39
C LEU B 14 5.71 2.54 20.22
N ALA B 15 4.97 3.14 21.14
CA ALA B 15 3.51 3.03 21.16
C ALA B 15 2.79 3.85 20.09
N TRP B 16 3.38 4.95 19.67
CA TRP B 16 2.64 6.00 18.96
C TRP B 16 1.96 5.65 17.65
N GLU B 17 2.69 5.09 16.69
CA GLU B 17 2.11 4.90 15.36
C GLU B 17 0.83 4.05 15.39
N ARG B 18 0.89 2.93 16.10
CA ARG B 18 -0.22 1.98 16.10
C ARG B 18 -1.32 2.36 17.09
N PHE B 19 -0.93 2.88 18.25
CA PHE B 19 -1.89 3.10 19.33
C PHE B 19 -2.23 4.58 19.60
N ARG B 20 -1.43 5.50 19.08
CA ARG B 20 -1.72 6.94 19.12
C ARG B 20 -2.14 7.47 20.50
N CYS B 21 -3.16 8.33 20.52
CA CYS B 21 -3.63 8.93 21.77
C CYS B 21 -4.95 8.31 22.26
N ASN B 22 -5.07 6.98 22.13
CA ASN B 22 -6.26 6.27 22.59
C ASN B 22 -6.29 6.15 24.11
N ILE B 23 -7.13 6.97 24.74
CA ILE B 23 -7.24 7.01 26.21
C ILE B 23 -8.56 6.42 26.73
N ASN B 24 -9.40 5.94 25.83
CA ASN B 24 -10.69 5.36 26.20
C ASN B 24 -10.56 3.89 26.63
N CYS B 25 -10.12 3.68 27.87
CA CYS B 25 -9.93 2.34 28.41
C CYS B 25 -11.23 1.64 28.80
N ASP B 26 -12.28 2.43 29.07
CA ASP B 26 -13.59 1.89 29.43
C ASP B 26 -14.23 1.15 28.25
N GLU B 27 -14.12 1.71 27.06
CA GLU B 27 -14.64 1.09 25.85
C GLU B 27 -13.63 0.20 25.14
N ASP B 28 -12.34 0.52 25.32
CA ASP B 28 -11.28 -0.16 24.58
C ASP B 28 -10.10 -0.52 25.48
N PRO B 29 -10.31 -1.40 26.48
CA PRO B 29 -9.27 -1.69 27.48
C PRO B 29 -8.01 -2.37 26.92
N LYS B 30 -8.16 -3.06 25.80
CA LYS B 30 -7.08 -3.85 25.24
C LYS B 30 -6.09 -3.01 24.43
N ASN B 31 -6.54 -1.83 23.98
CA ASN B 31 -5.77 -1.01 23.04
C ASN B 31 -5.48 0.41 23.50
N CYS B 32 -6.05 0.79 24.64
CA CYS B 32 -5.81 2.13 25.17
C CYS B 32 -4.41 2.25 25.76
N ILE B 33 -3.90 3.48 25.80
CA ILE B 33 -2.63 3.79 26.44
C ILE B 33 -2.74 3.59 27.94
N SER B 34 -2.18 2.49 28.42
CA SER B 34 -2.28 2.08 29.83
C SER B 34 -1.10 1.20 30.18
N GLU B 35 -0.87 1.02 31.49
CA GLU B 35 0.21 0.16 31.96
C GLU B 35 0.05 -1.28 31.45
N GLN B 36 -1.20 -1.72 31.32
CA GLN B 36 -1.51 -3.05 30.82
C GLN B 36 -0.99 -3.26 29.39
N LEU B 37 -1.20 -2.27 28.54
CA LEU B 37 -0.70 -2.32 27.16
C LEU B 37 0.81 -2.58 27.16
N PHE B 38 1.53 -1.78 27.94
CA PHE B 38 2.98 -1.85 27.98
C PHE B 38 3.50 -3.13 28.62
N MET B 39 2.80 -3.60 29.65
CA MET B 39 3.15 -4.87 30.30
C MET B 39 2.98 -6.05 29.34
N GLU B 40 1.89 -6.04 28.58
CA GLU B 40 1.60 -7.09 27.61
C GLU B 40 2.60 -7.12 26.44
N MET B 41 2.99 -5.94 25.97
CA MET B 41 4.02 -5.85 24.92
C MET B 41 5.37 -6.34 25.42
N ALA B 42 5.67 -6.03 26.68
CA ALA B 42 6.89 -6.48 27.33
C ALA B 42 6.93 -8.01 27.38
N ASP B 43 5.83 -8.62 27.80
CA ASP B 43 5.69 -10.07 27.82
C ASP B 43 5.98 -10.66 26.45
N ARG B 44 5.37 -10.07 25.41
CA ARG B 44 5.57 -10.51 24.04
C ARG B 44 7.03 -10.38 23.62
N MET B 45 7.64 -9.26 23.98
CA MET B 45 9.03 -8.99 23.61
C MET B 45 9.99 -9.99 24.27
N ALA B 46 9.69 -10.39 25.50
CA ALA B 46 10.48 -11.41 26.21
C ALA B 46 10.28 -12.81 25.62
N GLN B 47 9.03 -13.15 25.30
CA GLN B 47 8.68 -14.53 24.92
C GLN B 47 8.80 -14.87 23.43
N ASP B 48 8.55 -13.89 22.56
CA ASP B 48 8.42 -14.16 21.13
C ASP B 48 9.69 -13.89 20.32
N GLY B 49 10.82 -13.80 21.03
CA GLY B 49 12.12 -13.67 20.37
C GLY B 49 12.64 -12.26 20.17
N TRP B 50 11.77 -11.27 20.35
CA TRP B 50 12.11 -9.87 20.08
C TRP B 50 13.33 -9.41 20.86
N ARG B 51 13.35 -9.69 22.16
CA ARG B 51 14.47 -9.29 23.01
C ARG B 51 15.76 -10.00 22.58
N ASP B 52 15.67 -11.30 22.33
CA ASP B 52 16.83 -12.10 21.92
C ASP B 52 17.41 -11.64 20.58
N MET B 53 16.57 -11.04 19.73
CA MET B 53 17.00 -10.52 18.44
C MET B 53 17.53 -9.09 18.55
N GLY B 54 17.43 -8.50 19.74
CA GLY B 54 17.98 -7.18 20.00
C GLY B 54 16.96 -6.06 20.18
N TYR B 55 15.67 -6.36 20.07
CA TYR B 55 14.63 -5.38 20.34
C TYR B 55 14.46 -5.22 21.85
N THR B 56 15.09 -4.19 22.42
CA THR B 56 15.19 -4.05 23.88
C THR B 56 14.42 -2.87 24.49
N TYR B 57 14.15 -1.84 23.68
CA TYR B 57 13.46 -0.64 24.18
C TYR B 57 11.94 -0.75 24.03
N LEU B 58 11.23 -0.44 25.11
CA LEU B 58 9.77 -0.44 25.14
C LEU B 58 9.34 0.99 25.51
N ASN B 59 8.88 1.74 24.51
CA ASN B 59 8.75 3.20 24.66
C ASN B 59 7.34 3.75 24.76
N ILE B 60 7.05 4.37 25.90
CA ILE B 60 5.84 5.19 26.08
C ILE B 60 5.99 6.45 25.22
N ASP B 61 4.92 6.80 24.50
CA ASP B 61 4.88 8.06 23.75
C ASP B 61 3.83 8.98 24.39
N ASP B 62 3.20 9.86 23.60
CA ASP B 62 2.28 10.86 24.13
C ASP B 62 1.04 10.28 24.83
N CYS B 63 0.40 11.11 25.65
CA CYS B 63 -0.89 10.83 26.32
C CYS B 63 -0.79 9.90 27.53
N TRP B 64 0.36 9.93 28.22
CA TRP B 64 0.54 9.13 29.43
C TRP B 64 0.36 9.97 30.70
N ILE B 65 0.58 11.27 30.57
CA ILE B 65 0.62 12.19 31.70
C ILE B 65 -0.76 12.42 32.35
N GLY B 66 -0.80 12.32 33.67
CA GLY B 66 -2.01 12.61 34.44
C GLY B 66 -2.10 14.07 34.85
N GLY B 67 -0.94 14.66 35.12
CA GLY B 67 -0.83 16.06 35.50
C GLY B 67 0.46 16.31 36.25
N ARG B 68 0.49 17.41 37.00
CA ARG B 68 1.61 17.70 37.90
C ARG B 68 1.07 17.76 39.32
N ASP B 69 1.81 17.16 40.26
CA ASP B 69 1.41 17.18 41.67
C ASP B 69 1.72 18.53 42.34
N ALA B 70 1.53 18.57 43.66
CA ALA B 70 1.72 19.79 44.45
C ALA B 70 3.09 20.47 44.24
N SER B 71 4.16 19.67 44.23
CA SER B 71 5.51 20.20 44.07
C SER B 71 5.98 20.30 42.61
N GLY B 72 5.03 20.13 41.67
CA GLY B 72 5.30 20.33 40.24
C GLY B 72 5.81 19.11 39.48
N ARG B 73 5.88 17.98 40.17
CA ARG B 73 6.41 16.74 39.61
C ARG B 73 5.39 16.06 38.69
N LEU B 74 5.87 15.57 37.55
CA LEU B 74 5.02 14.85 36.61
C LEU B 74 4.48 13.55 37.21
N MET B 75 3.22 13.26 36.93
CA MET B 75 2.62 12.00 37.33
C MET B 75 1.86 11.38 36.15
N PRO B 76 1.84 10.04 36.06
CA PRO B 76 1.06 9.40 35.00
C PRO B 76 -0.43 9.46 35.35
N ASP B 77 -1.28 9.20 34.36
CA ASP B 77 -2.72 9.11 34.59
C ASP B 77 -2.98 8.02 35.61
N PRO B 78 -3.56 8.39 36.78
CA PRO B 78 -3.78 7.44 37.86
C PRO B 78 -4.70 6.28 37.48
N LYS B 79 -5.70 6.55 36.64
CA LYS B 79 -6.66 5.54 36.20
C LYS B 79 -6.07 4.56 35.19
N ARG B 80 -5.12 5.03 34.38
CA ARG B 80 -4.54 4.19 33.32
C ARG B 80 -3.17 3.62 33.69
N PHE B 81 -2.49 4.26 34.64
CA PHE B 81 -1.22 3.75 35.18
C PHE B 81 -1.28 3.66 36.71
N PRO B 82 -2.17 2.78 37.25
CA PRO B 82 -2.42 2.79 38.70
C PRO B 82 -1.22 2.42 39.58
N HIS B 83 -0.34 1.55 39.09
CA HIS B 83 0.84 1.14 39.88
C HIS B 83 1.99 2.14 39.77
N GLY B 84 1.88 3.09 38.84
CA GLY B 84 2.90 4.13 38.64
C GLY B 84 4.02 3.71 37.71
N ILE B 85 4.77 4.70 37.23
CA ILE B 85 5.87 4.46 36.28
C ILE B 85 7.03 3.63 36.85
N PRO B 86 7.41 3.87 38.14
CA PRO B 86 8.50 3.05 38.70
C PRO B 86 8.20 1.55 38.71
N PHE B 87 6.94 1.19 38.96
CA PHE B 87 6.51 -0.22 38.87
C PHE B 87 6.66 -0.74 37.44
N LEU B 88 6.32 0.11 36.45
CA LEU B 88 6.42 -0.27 35.05
C LEU B 88 7.87 -0.48 34.63
N ALA B 89 8.75 0.43 35.07
CA ALA B 89 10.19 0.29 34.83
C ALA B 89 10.74 -0.97 35.48
N ASP B 90 10.34 -1.24 36.72
CA ASP B 90 10.71 -2.47 37.42
C ASP B 90 10.29 -3.71 36.64
N TYR B 91 9.05 -3.72 36.15
CA TYR B 91 8.52 -4.84 35.40
C TYR B 91 9.31 -5.03 34.12
N VAL B 92 9.50 -3.94 33.38
CA VAL B 92 10.23 -3.96 32.13
C VAL B 92 11.68 -4.43 32.34
N HIS B 93 12.36 -3.89 33.35
CA HIS B 93 13.73 -4.29 33.67
C HIS B 93 13.86 -5.76 34.03
N SER B 94 12.88 -6.29 34.75
CA SER B 94 12.89 -7.70 35.14
C SER B 94 12.83 -8.64 33.95
N LEU B 95 12.21 -8.19 32.86
CA LEU B 95 12.12 -8.99 31.63
C LEU B 95 13.31 -8.79 30.69
N GLY B 96 14.33 -8.09 31.16
CA GLY B 96 15.55 -7.85 30.38
C GLY B 96 15.39 -6.75 29.35
N LEU B 97 14.42 -5.87 29.58
CA LEU B 97 14.09 -4.80 28.64
C LEU B 97 14.38 -3.42 29.22
N LYS B 98 14.25 -2.39 28.39
CA LYS B 98 14.46 -1.01 28.82
C LYS B 98 13.21 -0.15 28.60
N LEU B 99 12.97 0.80 29.50
CA LEU B 99 11.78 1.66 29.37
C LEU B 99 12.11 3.04 28.81
N GLY B 100 11.40 3.42 27.75
CA GLY B 100 11.46 4.77 27.22
C GLY B 100 10.22 5.56 27.63
N ILE B 101 10.36 6.88 27.67
CA ILE B 101 9.24 7.76 28.02
C ILE B 101 9.24 8.99 27.10
N TYR B 102 8.23 9.85 27.26
CA TYR B 102 7.97 10.96 26.34
C TYR B 102 7.69 12.26 27.08
N ALA B 103 8.21 13.35 26.52
CA ALA B 103 7.92 14.70 27.01
C ALA B 103 7.91 15.66 25.83
N ASP B 104 7.44 16.88 26.04
CA ASP B 104 7.43 17.89 24.98
C ASP B 104 8.08 19.19 25.41
N MET B 105 9.02 19.68 24.61
CA MET B 105 9.69 20.96 24.85
C MET B 105 8.78 22.11 24.39
N GLY B 106 7.97 22.61 25.31
CA GLY B 106 6.97 23.63 25.01
C GLY B 106 5.87 23.69 26.06
N ASN B 107 4.82 24.46 25.77
CA ASN B 107 3.72 24.68 26.73
C ASN B 107 2.86 23.45 26.96
N PHE B 108 2.68 22.65 25.91
CA PHE B 108 1.91 21.42 25.96
C PHE B 108 2.53 20.40 25.03
N THR B 109 2.23 19.12 25.27
CA THR B 109 2.55 18.08 24.28
C THR B 109 1.67 18.33 23.06
N CYS B 110 1.95 17.66 21.96
CA CYS B 110 1.18 17.84 20.73
C CYS B 110 -0.30 17.53 20.94
N MET B 111 -0.58 16.57 21.83
CA MET B 111 -1.97 16.20 22.15
C MET B 111 -2.60 17.02 23.28
N GLY B 112 -1.87 18.02 23.77
CA GLY B 112 -2.40 18.97 24.74
C GLY B 112 -2.15 18.61 26.20
N TYR B 113 -1.27 17.64 26.43
CA TYR B 113 -0.92 17.20 27.78
C TYR B 113 0.14 18.12 28.39
N PRO B 114 0.26 18.12 29.74
CA PRO B 114 1.22 19.03 30.37
C PRO B 114 2.61 18.99 29.74
N GLY B 115 3.03 20.12 29.19
CA GLY B 115 4.32 20.21 28.50
C GLY B 115 5.48 20.52 29.42
N THR B 116 6.68 20.21 28.95
CA THR B 116 7.92 20.54 29.65
C THR B 116 8.43 21.89 29.14
N THR B 117 8.17 22.93 29.91
CA THR B 117 8.67 24.26 29.62
C THR B 117 10.08 24.39 30.18
N LEU B 118 10.78 25.46 29.79
CA LEU B 118 12.16 25.69 30.23
C LEU B 118 12.36 25.53 31.74
N ASP B 119 11.43 26.08 32.51
CA ASP B 119 11.46 26.03 33.98
C ASP B 119 11.09 24.66 34.57
N LYS B 120 10.81 23.68 33.71
CA LYS B 120 10.45 22.33 34.15
C LYS B 120 11.43 21.25 33.67
N VAL B 121 12.31 21.64 32.74
CA VAL B 121 13.29 20.75 32.14
C VAL B 121 14.12 19.96 33.17
N VAL B 122 14.72 20.67 34.11
CA VAL B 122 15.57 20.05 35.14
C VAL B 122 14.77 19.07 36.01
N GLN B 123 13.59 19.50 36.46
CA GLN B 123 12.74 18.71 37.33
C GLN B 123 12.26 17.41 36.65
N ASP B 124 11.79 17.54 35.41
CA ASP B 124 11.30 16.38 34.66
C ASP B 124 12.40 15.35 34.38
N ALA B 125 13.59 15.84 34.06
CA ALA B 125 14.78 15.00 33.87
C ALA B 125 15.07 14.17 35.12
N GLN B 126 15.09 14.85 36.26
CA GLN B 126 15.34 14.24 37.57
C GLN B 126 14.28 13.18 37.86
N THR B 127 13.02 13.53 37.62
CA THR B 127 11.89 12.62 37.77
C THR B 127 12.06 11.34 36.93
N PHE B 128 12.46 11.50 35.67
CA PHE B 128 12.64 10.34 34.78
C PHE B 128 13.75 9.41 35.26
N ALA B 129 14.87 10.01 35.68
CA ALA B 129 16.00 9.25 36.21
C ALA B 129 15.64 8.48 37.47
N GLU B 130 14.88 9.12 38.36
CA GLU B 130 14.43 8.50 39.60
C GLU B 130 13.51 7.32 39.33
N TRP B 131 12.67 7.46 38.30
CA TRP B 131 11.77 6.39 37.88
C TRP B 131 12.52 5.24 37.20
N LYS B 132 13.80 5.47 36.90
CA LYS B 132 14.69 4.49 36.26
C LYS B 132 14.34 4.28 34.78
N VAL B 133 13.99 5.38 34.12
CA VAL B 133 13.78 5.43 32.69
C VAL B 133 15.12 5.27 31.97
N ASP B 134 15.08 4.69 30.77
CA ASP B 134 16.30 4.38 30.01
C ASP B 134 16.38 5.16 28.70
N MET B 135 15.27 5.79 28.32
CA MET B 135 15.20 6.56 27.09
C MET B 135 14.16 7.66 27.21
N LEU B 136 14.42 8.79 26.56
CA LEU B 136 13.46 9.88 26.50
C LEU B 136 13.32 10.41 25.08
N LYS B 137 12.07 10.58 24.64
CA LYS B 137 11.76 11.27 23.39
C LYS B 137 11.15 12.63 23.73
N LEU B 138 11.80 13.70 23.25
CA LEU B 138 11.33 15.04 23.54
C LEU B 138 10.71 15.67 22.29
N ASP B 139 9.39 15.71 22.24
CA ASP B 139 8.65 16.33 21.13
C ASP B 139 8.77 17.87 21.21
N GLY B 140 8.35 18.57 20.17
CA GLY B 140 8.56 20.02 20.10
C GLY B 140 7.36 20.90 19.76
N CYS B 141 6.15 20.44 20.09
CA CYS B 141 4.96 21.26 19.88
C CYS B 141 4.86 22.41 20.88
N PHE B 142 4.04 23.41 20.54
CA PHE B 142 3.71 24.54 21.42
C PHE B 142 4.92 25.29 21.98
N SER B 143 5.92 25.47 21.12
CA SER B 143 7.13 26.22 21.47
C SER B 143 7.57 27.12 20.33
N THR B 144 8.39 28.11 20.66
CA THR B 144 9.00 29.00 19.68
C THR B 144 10.37 28.46 19.30
N PRO B 145 10.91 28.86 18.13
CA PRO B 145 12.27 28.44 17.75
C PRO B 145 13.31 28.78 18.81
N GLU B 146 13.08 29.87 19.56
CA GLU B 146 13.96 30.31 20.63
C GLU B 146 13.96 29.32 21.79
N GLU B 147 12.75 28.94 22.23
CA GLU B 147 12.57 28.01 23.35
C GLU B 147 13.20 26.64 23.08
N ARG B 148 13.10 26.16 21.85
CA ARG B 148 13.74 24.91 21.42
C ARG B 148 15.27 25.04 21.40
N ALA B 149 15.76 26.15 20.88
CA ALA B 149 17.20 26.44 20.83
C ALA B 149 17.83 26.44 22.21
N GLN B 150 17.06 26.87 23.20
CA GLN B 150 17.48 26.86 24.61
C GLN B 150 17.22 25.50 25.24
N GLY B 151 16.03 24.97 25.01
CA GLY B 151 15.51 23.80 25.73
C GLY B 151 16.15 22.46 25.47
N TYR B 152 16.41 22.15 24.20
CA TYR B 152 17.00 20.85 23.84
C TYR B 152 18.41 20.68 24.43
N PRO B 153 19.28 21.71 24.33
CA PRO B 153 20.55 21.64 25.05
C PRO B 153 20.34 21.58 26.57
N LYS B 154 19.34 22.31 27.07
CA LYS B 154 19.03 22.29 28.50
C LYS B 154 18.64 20.89 29.01
N MET B 155 17.86 20.15 28.22
CA MET B 155 17.46 18.79 28.60
C MET B 155 18.63 17.80 28.52
N ALA B 156 19.41 17.90 27.45
CA ALA B 156 20.63 17.10 27.31
C ALA B 156 21.56 17.28 28.51
N ALA B 157 21.68 18.51 29.00
CA ALA B 157 22.48 18.81 30.19
C ALA B 157 21.83 18.27 31.46
N ALA B 158 20.51 18.43 31.57
CA ALA B 158 19.75 17.98 32.74
C ALA B 158 19.82 16.46 32.94
N LEU B 159 19.59 15.71 31.85
CA LEU B 159 19.73 14.26 31.85
C LEU B 159 21.13 13.81 32.24
N ASN B 160 22.13 14.50 31.70
CA ASN B 160 23.53 14.29 32.05
C ASN B 160 23.76 14.43 33.55
N ALA B 161 23.20 15.49 34.12
CA ALA B 161 23.41 15.84 35.52
C ALA B 161 22.78 14.85 36.50
N THR B 162 21.85 14.01 36.02
CA THR B 162 21.19 13.02 36.87
C THR B 162 22.08 11.82 37.20
N GLY B 163 23.15 11.65 36.43
CA GLY B 163 24.04 10.49 36.59
C GLY B 163 23.55 9.21 35.94
N ARG B 164 22.26 9.15 35.58
CA ARG B 164 21.72 7.97 34.90
C ARG B 164 21.83 8.06 33.38
N PRO B 165 22.40 7.03 32.74
CA PRO B 165 22.49 7.00 31.28
C PRO B 165 21.08 6.88 30.68
N ILE B 166 20.67 7.90 29.95
CA ILE B 166 19.33 7.92 29.35
C ILE B 166 19.43 8.32 27.87
N ALA B 167 19.01 7.42 26.98
CA ALA B 167 19.07 7.69 25.54
C ALA B 167 18.17 8.86 25.20
N PHE B 168 18.67 9.78 24.38
CA PHE B 168 17.99 11.04 24.14
C PHE B 168 17.58 11.23 22.68
N SER B 169 16.27 11.18 22.44
CA SER B 169 15.68 11.29 21.12
C SER B 169 15.09 12.70 20.92
N CYS B 170 15.55 13.40 19.88
CA CYS B 170 15.24 14.83 19.70
C CYS B 170 14.43 15.17 18.45
N SER B 171 13.23 15.68 18.66
CA SER B 171 12.36 16.08 17.56
C SER B 171 12.70 17.47 16.97
N TRP B 172 13.62 18.17 17.63
CA TRP B 172 13.98 19.55 17.28
C TRP B 172 14.11 19.86 15.76
N PRO B 173 14.90 19.08 15.00
CA PRO B 173 15.06 19.43 13.57
C PRO B 173 13.78 19.31 12.73
N ALA B 174 12.88 18.40 13.09
CA ALA B 174 11.60 18.24 12.38
C ALA B 174 10.76 19.53 12.42
N TYR B 175 10.85 20.26 13.53
CA TYR B 175 10.09 21.49 13.72
C TYR B 175 10.79 22.74 13.15
N GLU B 176 11.95 22.54 12.52
CA GLU B 176 12.73 23.63 11.94
C GLU B 176 12.95 23.46 10.44
N GLY B 177 12.35 22.43 9.86
CA GLY B 177 12.49 22.14 8.44
C GLY B 177 13.56 21.12 8.11
N GLY B 178 14.31 20.69 9.12
CA GLY B 178 15.30 19.62 8.98
C GLY B 178 16.58 19.94 8.22
N LEU B 179 16.72 21.18 7.77
CA LEU B 179 17.85 21.58 6.92
C LEU B 179 18.66 22.75 7.47
N PRO B 180 19.98 22.80 7.14
CA PRO B 180 20.79 23.99 7.39
C PRO B 180 20.32 25.15 6.51
N PRO B 181 20.54 26.41 6.96
CA PRO B 181 21.28 26.80 8.15
C PRO B 181 20.48 26.79 9.45
N ARG B 182 19.16 26.67 9.36
CA ARG B 182 18.29 26.64 10.54
C ARG B 182 18.65 25.49 11.48
N VAL B 183 18.80 24.29 10.91
CA VAL B 183 19.23 23.11 11.66
C VAL B 183 20.76 23.01 11.66
N GLN B 184 21.32 22.78 12.84
CA GLN B 184 22.75 22.58 13.01
C GLN B 184 22.98 21.12 13.43
N TYR B 185 23.39 20.29 12.47
CA TYR B 185 23.53 18.86 12.71
C TYR B 185 24.71 18.45 13.59
N SER B 186 25.79 19.22 13.54
CA SER B 186 26.94 19.02 14.42
C SER B 186 26.53 19.19 15.89
N LEU B 187 25.68 20.17 16.16
CA LEU B 187 25.16 20.39 17.52
C LEU B 187 24.23 19.25 17.94
N LEU B 188 23.38 18.79 17.04
CA LEU B 188 22.45 17.69 17.34
C LEU B 188 23.19 16.39 17.67
N ALA B 189 24.28 16.14 16.94
CA ALA B 189 25.13 14.98 17.19
C ALA B 189 25.72 15.02 18.59
N ASP B 190 26.09 16.23 19.04
CA ASP B 190 26.67 16.42 20.37
C ASP B 190 25.67 16.31 21.52
N ILE B 191 24.41 16.66 21.27
CA ILE B 191 23.42 16.70 22.35
C ILE B 191 22.39 15.56 22.34
N CYS B 192 22.27 14.86 21.20
CA CYS B 192 21.25 13.80 21.06
C CYS B 192 21.82 12.47 20.57
N ASN B 193 21.19 11.38 21.01
CA ASN B 193 21.53 10.04 20.50
C ASN B 193 20.88 9.75 19.15
N LEU B 194 19.74 10.40 18.90
CA LEU B 194 19.03 10.32 17.64
C LEU B 194 18.12 11.53 17.51
N TRP B 195 17.74 11.87 16.28
CA TRP B 195 16.86 13.00 16.03
C TRP B 195 15.90 12.69 14.88
N ARG B 196 14.64 13.08 15.07
CA ARG B 196 13.65 12.98 14.01
C ARG B 196 13.84 14.14 13.05
N ASN B 197 14.37 13.84 11.86
CA ASN B 197 14.65 14.85 10.85
C ASN B 197 13.40 15.45 10.20
N TYR B 198 12.38 14.60 10.02
CA TYR B 198 11.33 14.87 9.07
C TYR B 198 9.93 14.52 9.58
N ASP B 199 8.94 14.56 8.69
CA ASP B 199 7.52 14.38 9.03
C ASP B 199 7.20 13.05 9.68
N ASP B 200 6.17 13.07 10.53
CA ASP B 200 5.61 11.86 11.16
C ASP B 200 5.29 10.81 10.11
N ILE B 201 5.77 9.59 10.33
CA ILE B 201 5.36 8.47 9.48
C ILE B 201 3.88 8.18 9.72
N GLN B 202 3.18 7.85 8.63
CA GLN B 202 1.80 7.38 8.69
C GLN B 202 1.73 5.98 8.08
N ASP B 203 0.65 5.25 8.38
CA ASP B 203 0.49 3.87 7.93
C ASP B 203 0.12 3.80 6.45
N SER B 204 1.06 4.20 5.60
CA SER B 204 0.88 4.21 4.15
C SER B 204 2.21 4.11 3.43
N TRP B 205 2.17 3.54 2.22
CA TRP B 205 3.36 3.45 1.38
C TRP B 205 3.80 4.84 0.93
N TRP B 206 2.83 5.71 0.66
CA TRP B 206 3.10 7.10 0.31
C TRP B 206 3.96 7.77 1.38
N SER B 207 3.60 7.56 2.65
CA SER B 207 4.37 8.13 3.77
C SER B 207 5.81 7.66 3.73
N VAL B 208 6.01 6.34 3.61
CA VAL B 208 7.35 5.77 3.47
C VAL B 208 8.12 6.42 2.30
N LEU B 209 7.49 6.49 1.13
CA LEU B 209 8.14 7.07 -0.06
C LEU B 209 8.55 8.54 0.11
N SER B 210 7.70 9.32 0.77
CA SER B 210 7.96 10.74 0.97
C SER B 210 9.13 10.97 1.94
N ILE B 211 9.24 10.10 2.94
CA ILE B 211 10.35 10.12 3.90
C ILE B 211 11.66 9.72 3.21
N LEU B 212 11.61 8.62 2.46
CA LEU B 212 12.73 8.18 1.64
C LEU B 212 13.24 9.27 0.70
N ASN B 213 12.31 9.88 -0.03
N ASN B 213 12.31 9.87 -0.05
CA ASN B 213 12.60 10.94 -0.99
CA ASN B 213 12.62 10.94 -0.98
C ASN B 213 13.34 12.11 -0.34
C ASN B 213 13.38 12.08 -0.31
N TRP B 214 12.89 12.49 0.85
CA TRP B 214 13.49 13.60 1.59
C TRP B 214 14.90 13.25 2.09
N PHE B 215 15.08 12.03 2.58
CA PHE B 215 16.38 11.55 3.02
C PHE B 215 17.38 11.40 1.88
N VAL B 216 16.88 11.03 0.70
CA VAL B 216 17.72 10.86 -0.46
C VAL B 216 18.13 12.22 -1.04
N GLU B 217 17.15 13.12 -1.19
CA GLU B 217 17.40 14.48 -1.69
C GLU B 217 18.43 15.22 -0.86
N HIS B 218 18.47 14.93 0.44
CA HIS B 218 19.36 15.61 1.37
C HIS B 218 20.43 14.70 1.98
N GLN B 219 20.76 13.60 1.29
CA GLN B 219 21.73 12.62 1.82
C GLN B 219 23.17 13.15 1.93
N ASP B 220 23.54 14.09 1.06
CA ASP B 220 24.86 14.74 1.15
C ASP B 220 25.05 15.44 2.50
N ILE B 221 23.97 16.04 3.00
CA ILE B 221 23.94 16.68 4.30
C ILE B 221 23.74 15.65 5.43
N LEU B 222 22.80 14.73 5.23
CA LEU B 222 22.36 13.83 6.29
C LEU B 222 23.28 12.64 6.57
N GLN B 223 23.80 12.02 5.50
CA GLN B 223 24.62 10.81 5.65
C GLN B 223 25.85 10.96 6.57
N PRO B 224 26.68 12.02 6.37
CA PRO B 224 27.92 12.12 7.16
C PRO B 224 27.74 12.31 8.67
N VAL B 225 26.59 12.83 9.08
CA VAL B 225 26.39 13.21 10.48
C VAL B 225 25.96 12.04 11.37
N ALA B 226 25.54 10.94 10.74
CA ALA B 226 25.16 9.74 11.48
C ALA B 226 26.38 8.88 11.83
N GLY B 227 26.30 8.22 12.98
CA GLY B 227 27.35 7.32 13.45
C GLY B 227 27.03 6.84 14.86
N PRO B 228 27.90 5.97 15.43
CA PRO B 228 27.68 5.44 16.78
C PRO B 228 27.41 6.53 17.81
N GLY B 229 26.28 6.41 18.50
CA GLY B 229 25.87 7.37 19.52
C GLY B 229 25.01 8.53 19.02
N HIS B 230 24.87 8.65 17.70
CA HIS B 230 24.14 9.76 17.08
C HIS B 230 23.58 9.38 15.69
N TRP B 231 22.28 9.09 15.65
CA TRP B 231 21.64 8.57 14.45
C TRP B 231 20.59 9.50 13.87
N ASN B 232 20.43 9.48 12.55
CA ASN B 232 19.23 10.04 11.93
C ASN B 232 18.05 9.11 12.22
N ASP B 233 16.85 9.69 12.36
CA ASP B 233 15.63 8.94 12.66
C ASP B 233 14.55 9.28 11.64
N PRO B 234 14.37 8.41 10.62
CA PRO B 234 13.30 8.59 9.65
C PRO B 234 11.93 8.12 10.19
N ASP B 235 11.88 7.77 11.47
CA ASP B 235 10.64 7.42 12.20
C ASP B 235 10.37 5.91 12.19
N MET B 236 9.25 5.53 12.81
CA MET B 236 8.91 4.14 13.16
C MET B 236 8.71 3.20 11.98
N LEU B 237 9.03 1.93 12.20
CA LEU B 237 8.70 0.86 11.28
C LEU B 237 7.19 0.62 11.28
N LEU B 238 6.63 0.39 10.10
CA LEU B 238 5.20 0.18 9.94
C LEU B 238 4.85 -1.31 9.85
N ILE B 239 5.88 -2.15 9.83
CA ILE B 239 5.71 -3.58 9.60
C ILE B 239 4.84 -4.19 10.69
N GLY B 240 3.79 -4.90 10.27
CA GLY B 240 2.85 -5.51 11.19
C GLY B 240 1.50 -4.82 11.17
N ASN B 241 1.43 -3.66 10.51
CA ASN B 241 0.21 -2.86 10.55
C ASN B 241 -0.70 -3.01 9.33
N PHE B 242 -1.32 -1.92 8.89
CA PHE B 242 -2.44 -2.00 7.94
C PHE B 242 -2.10 -1.53 6.52
N GLY B 243 -1.19 -0.56 6.41
CA GLY B 243 -1.00 0.15 5.16
C GLY B 243 0.02 -0.40 4.17
N LEU B 244 0.96 -1.20 4.66
CA LEU B 244 2.00 -1.76 3.77
C LEU B 244 1.68 -3.19 3.32
N SER B 245 1.91 -3.45 2.04
CA SER B 245 1.85 -4.80 1.50
C SER B 245 3.09 -5.58 1.97
N LEU B 246 3.15 -6.85 1.60
CA LEU B 246 4.32 -7.65 1.94
C LEU B 246 5.62 -7.07 1.33
N GLU B 247 5.58 -6.76 0.03
CA GLU B 247 6.75 -6.21 -0.65
C GLU B 247 7.20 -4.90 -0.01
N GLN B 248 6.22 -4.06 0.33
CA GLN B 248 6.49 -2.75 0.93
C GLN B 248 7.03 -2.86 2.35
N SER B 249 6.57 -3.88 3.08
CA SER B 249 7.07 -4.15 4.43
C SER B 249 8.52 -4.59 4.38
N ARG B 250 8.83 -5.48 3.43
CA ARG B 250 10.21 -5.90 3.21
C ARG B 250 11.10 -4.75 2.77
N ALA B 251 10.54 -3.86 1.94
CA ALA B 251 11.26 -2.66 1.46
C ALA B 251 11.60 -1.71 2.60
N GLN B 252 10.64 -1.41 3.47
CA GLN B 252 10.91 -0.50 4.57
C GLN B 252 11.99 -1.04 5.52
N MET B 253 11.96 -2.34 5.78
CA MET B 253 12.95 -2.97 6.65
C MET B 253 14.35 -2.85 6.06
N ALA B 254 14.45 -3.17 4.77
CA ALA B 254 15.72 -3.16 4.06
C ALA B 254 16.29 -1.75 3.94
N LEU B 255 15.42 -0.79 3.67
CA LEU B 255 15.82 0.60 3.45
C LEU B 255 16.15 1.32 4.75
N TRP B 256 15.41 1.03 5.81
CA TRP B 256 15.73 1.58 7.12
C TRP B 256 17.08 1.00 7.59
N THR B 257 17.30 -0.27 7.29
CA THR B 257 18.56 -0.94 7.62
C THR B 257 19.77 -0.28 6.94
N VAL B 258 19.73 -0.07 5.63
CA VAL B 258 20.87 0.57 4.95
C VAL B 258 21.07 2.04 5.33
N LEU B 259 20.02 2.68 5.85
CA LEU B 259 20.10 4.06 6.29
C LEU B 259 20.58 4.18 7.74
N ALA B 260 20.98 3.05 8.32
CA ALA B 260 21.40 2.96 9.72
C ALA B 260 20.37 3.62 10.65
N ALA B 261 19.10 3.37 10.34
CA ALA B 261 17.99 3.95 11.08
C ALA B 261 17.72 3.14 12.34
N PRO B 262 17.07 3.77 13.34
CA PRO B 262 16.52 3.00 14.45
C PRO B 262 15.55 1.95 13.91
N LEU B 263 15.53 0.79 14.55
CA LEU B 263 14.52 -0.20 14.24
C LEU B 263 13.49 -0.19 15.35
N LEU B 264 12.64 0.84 15.33
CA LEU B 264 11.61 0.98 16.36
C LEU B 264 10.23 0.62 15.81
N MET B 265 9.79 -0.58 16.18
CA MET B 265 8.48 -1.10 15.83
C MET B 265 7.38 -0.27 16.49
N SER B 266 6.20 -0.34 15.90
CA SER B 266 5.00 0.23 16.50
C SER B 266 3.83 -0.52 15.90
N THR B 267 3.50 -1.64 16.54
CA THR B 267 2.53 -2.57 16.01
C THR B 267 2.03 -3.44 17.16
N ASP B 268 0.89 -4.09 16.96
CA ASP B 268 0.34 -4.95 18.00
C ASP B 268 1.07 -6.30 17.98
N LEU B 269 2.02 -6.45 18.90
CA LEU B 269 2.84 -7.66 19.00
C LEU B 269 2.04 -8.89 19.43
N ARG B 270 0.82 -8.66 19.94
CA ARG B 270 -0.07 -9.74 20.34
C ARG B 270 -0.70 -10.45 19.15
N THR B 271 -0.81 -9.75 18.01
CA THR B 271 -1.55 -10.26 16.85
C THR B 271 -0.73 -10.29 15.55
N ILE B 272 0.53 -9.86 15.62
CA ILE B 272 1.42 -9.83 14.47
C ILE B 272 1.50 -11.19 13.76
N SER B 273 1.37 -11.17 12.43
CA SER B 273 1.51 -12.39 11.64
C SER B 273 2.95 -12.92 11.67
N ALA B 274 3.08 -14.23 11.48
CA ALA B 274 4.40 -14.87 11.40
C ALA B 274 5.24 -14.24 10.28
N GLN B 275 4.58 -13.87 9.19
CA GLN B 275 5.24 -13.33 8.01
C GLN B 275 5.91 -11.98 8.30
N ASN B 276 5.21 -11.13 9.05
CA ASN B 276 5.76 -9.85 9.49
C ASN B 276 6.85 -10.00 10.54
N MET B 277 6.67 -10.98 11.43
CA MET B 277 7.67 -11.34 12.44
C MET B 277 8.97 -11.79 11.78
N ASP B 278 8.84 -12.55 10.68
CA ASP B 278 9.97 -13.03 9.89
C ASP B 278 10.80 -11.91 9.27
N ILE B 279 10.11 -10.84 8.88
CA ILE B 279 10.78 -9.65 8.33
C ILE B 279 11.59 -8.97 9.44
N LEU B 280 10.92 -8.69 10.55
CA LEU B 280 11.51 -7.94 11.65
C LEU B 280 12.57 -8.70 12.43
N GLN B 281 12.48 -10.03 12.46
CA GLN B 281 13.44 -10.84 13.22
C GLN B 281 14.49 -11.53 12.32
N ASN B 282 14.58 -11.09 11.08
CA ASN B 282 15.61 -11.57 10.14
C ASN B 282 17.01 -11.29 10.72
N PRO B 283 17.75 -12.36 11.06
CA PRO B 283 19.03 -12.20 11.78
C PRO B 283 20.09 -11.44 10.97
N LEU B 284 20.23 -11.77 9.69
CA LEU B 284 21.19 -11.08 8.84
C LEU B 284 20.84 -9.60 8.68
N MET B 285 19.54 -9.31 8.50
CA MET B 285 19.06 -7.93 8.40
C MET B 285 19.44 -7.10 9.64
N ILE B 286 19.18 -7.67 10.82
CA ILE B 286 19.50 -7.01 12.10
C ILE B 286 21.00 -6.80 12.25
N LYS B 287 21.79 -7.84 11.97
CA LYS B 287 23.25 -7.78 12.02
C LYS B 287 23.78 -6.64 11.13
N ILE B 288 23.18 -6.47 9.96
CA ILE B 288 23.53 -5.37 9.06
C ILE B 288 23.16 -4.01 9.66
N ASN B 289 21.93 -3.90 10.18
CA ASN B 289 21.50 -2.66 10.82
C ASN B 289 22.44 -2.29 11.96
N GLN B 290 22.83 -3.30 12.73
CA GLN B 290 23.62 -3.14 13.94
C GLN B 290 25.13 -3.22 13.69
N ASP B 291 25.54 -2.97 12.45
CA ASP B 291 26.95 -3.01 12.09
C ASP B 291 27.73 -2.02 12.98
N PRO B 292 28.82 -2.50 13.59
CA PRO B 292 29.60 -1.70 14.56
C PRO B 292 30.19 -0.40 14.00
N LEU B 293 30.47 -0.35 12.70
CA LEU B 293 30.99 0.87 12.07
C LEU B 293 29.98 2.03 12.11
N GLY B 294 28.70 1.68 12.02
CA GLY B 294 27.63 2.67 12.07
C GLY B 294 27.63 3.69 10.95
N ILE B 295 28.06 3.28 9.77
CA ILE B 295 28.10 4.17 8.60
C ILE B 295 26.75 4.12 7.88
N GLN B 296 26.08 5.27 7.81
CA GLN B 296 24.82 5.38 7.09
C GLN B 296 25.06 5.16 5.60
N GLY B 297 24.18 4.38 4.98
CA GLY B 297 24.24 4.12 3.55
C GLY B 297 23.71 5.28 2.72
N ARG B 298 23.74 5.09 1.40
CA ARG B 298 23.33 6.11 0.44
C ARG B 298 22.66 5.45 -0.75
N ARG B 299 21.83 6.21 -1.44
CA ARG B 299 21.44 5.83 -2.79
C ARG B 299 22.61 6.14 -3.70
N ILE B 300 23.12 5.13 -4.39
CA ILE B 300 24.29 5.30 -5.27
C ILE B 300 23.93 5.31 -6.75
N HIS B 301 22.72 4.85 -7.06
CA HIS B 301 22.30 4.71 -8.46
C HIS B 301 20.80 4.84 -8.60
N LYS B 302 20.39 5.60 -9.61
CA LYS B 302 18.99 5.72 -10.01
C LYS B 302 18.91 5.58 -11.51
N GLU B 303 17.86 4.92 -11.99
CA GLU B 303 17.67 4.74 -13.43
C GLU B 303 16.29 5.17 -13.90
N LYS B 304 16.16 5.41 -15.21
CA LYS B 304 14.88 5.77 -15.83
C LYS B 304 13.85 4.64 -15.69
N SER B 305 14.34 3.42 -15.49
CA SER B 305 13.49 2.26 -15.25
C SER B 305 12.84 2.30 -13.87
N LEU B 306 13.24 3.29 -13.06
CA LEU B 306 12.77 3.49 -11.68
C LEU B 306 13.27 2.43 -10.70
N ILE B 307 14.37 1.77 -11.08
CA ILE B 307 15.14 0.94 -10.16
C ILE B 307 16.17 1.84 -9.48
N GLU B 308 16.27 1.71 -8.16
CA GLU B 308 17.26 2.43 -7.38
C GLU B 308 18.20 1.46 -6.71
N VAL B 309 19.47 1.85 -6.58
CA VAL B 309 20.43 1.05 -5.82
C VAL B 309 20.94 1.84 -4.61
N TYR B 310 20.77 1.23 -3.43
CA TYR B 310 21.30 1.74 -2.18
C TYR B 310 22.46 0.87 -1.73
N MET B 311 23.48 1.51 -1.15
CA MET B 311 24.65 0.80 -0.64
C MET B 311 25.06 1.30 0.73
N ARG B 312 25.36 0.37 1.63
CA ARG B 312 25.91 0.70 2.94
C ARG B 312 27.22 -0.04 3.19
N PRO B 313 28.30 0.71 3.55
CA PRO B 313 29.55 0.06 3.93
C PRO B 313 29.42 -0.62 5.29
N LEU B 314 30.02 -1.80 5.43
CA LEU B 314 29.94 -2.58 6.66
C LEU B 314 31.33 -3.02 7.11
N SER B 315 31.42 -3.56 8.33
CA SER B 315 32.71 -4.01 8.84
C SER B 315 33.21 -5.25 8.10
N ASN B 316 34.51 -5.50 8.19
CA ASN B 316 35.20 -6.62 7.53
C ASN B 316 35.08 -6.62 6.01
N LYS B 317 35.15 -5.41 5.44
CA LYS B 317 35.12 -5.21 3.98
C LYS B 317 33.81 -5.67 3.30
N ALA B 318 32.75 -5.87 4.09
CA ALA B 318 31.45 -6.28 3.56
C ALA B 318 30.58 -5.07 3.20
N SER B 319 29.50 -5.31 2.47
CA SER B 319 28.59 -4.26 2.01
C SER B 319 27.15 -4.75 1.99
N ALA B 320 26.22 -3.82 2.17
CA ALA B 320 24.81 -4.10 1.96
C ALA B 320 24.36 -3.38 0.71
N LEU B 321 23.78 -4.14 -0.21
CA LEU B 321 23.17 -3.58 -1.41
C LEU B 321 21.67 -3.78 -1.35
N VAL B 322 20.92 -2.72 -1.63
CA VAL B 322 19.48 -2.82 -1.76
C VAL B 322 19.08 -2.34 -3.14
N PHE B 323 18.54 -3.27 -3.93
CA PHE B 323 17.99 -2.96 -5.24
C PHE B 323 16.50 -2.73 -5.00
N PHE B 324 16.05 -1.52 -5.30
CA PHE B 324 14.70 -1.09 -4.92
C PHE B 324 13.90 -0.66 -6.14
N SER B 325 12.73 -1.26 -6.32
CA SER B 325 11.86 -0.91 -7.43
C SER B 325 10.75 0.07 -7.03
N CYS B 326 10.79 1.27 -7.62
CA CYS B 326 9.70 2.24 -7.49
C CYS B 326 8.59 2.02 -8.51
N ARG B 327 8.76 1.02 -9.37
CA ARG B 327 7.76 0.68 -10.38
C ARG B 327 6.48 0.16 -9.74
N THR B 328 5.38 0.26 -10.48
CA THR B 328 4.06 -0.16 -10.00
C THR B 328 3.37 -1.03 -11.04
N ASP B 329 4.15 -1.80 -11.80
CA ASP B 329 3.59 -2.70 -12.80
C ASP B 329 3.79 -4.19 -12.51
N MET B 330 5.05 -4.65 -12.57
CA MET B 330 5.35 -6.09 -12.45
C MET B 330 6.81 -6.30 -12.07
N PRO B 331 7.21 -7.55 -11.75
CA PRO B 331 8.61 -7.81 -11.46
C PRO B 331 9.52 -7.33 -12.60
N TYR B 332 10.66 -6.75 -12.23
CA TYR B 332 11.59 -6.20 -13.18
C TYR B 332 12.92 -6.93 -13.10
N ARG B 333 13.39 -7.40 -14.26
CA ARG B 333 14.71 -8.01 -14.38
C ARG B 333 15.77 -6.92 -14.47
N TYR B 334 16.45 -6.66 -13.36
CA TYR B 334 17.46 -5.62 -13.33
C TYR B 334 18.83 -6.23 -13.60
N HIS B 335 19.46 -5.75 -14.67
CA HIS B 335 20.78 -6.22 -15.09
C HIS B 335 21.83 -5.21 -14.68
N SER B 336 22.88 -5.67 -13.99
CA SER B 336 23.96 -4.80 -13.58
C SER B 336 25.26 -5.58 -13.35
N SER B 337 26.26 -4.90 -12.81
CA SER B 337 27.51 -5.51 -12.41
C SER B 337 28.07 -4.72 -11.23
N LEU B 338 28.90 -5.36 -10.43
CA LEU B 338 29.54 -4.67 -9.30
C LEU B 338 30.46 -3.54 -9.77
N GLY B 339 31.08 -3.73 -10.94
CA GLY B 339 31.91 -2.70 -11.55
C GLY B 339 31.13 -1.43 -11.84
N GLN B 340 29.92 -1.59 -12.37
CA GLN B 340 29.04 -0.46 -12.64
C GLN B 340 28.52 0.21 -11.37
N LEU B 341 28.65 -0.47 -10.24
CA LEU B 341 28.29 0.09 -8.94
C LEU B 341 29.54 0.50 -8.14
N ASN B 342 30.63 0.74 -8.86
CA ASN B 342 31.86 1.32 -8.30
C ASN B 342 32.61 0.48 -7.25
N PHE B 343 32.52 -0.85 -7.36
CA PHE B 343 33.22 -1.72 -6.42
C PHE B 343 34.69 -1.94 -6.79
N THR B 344 35.49 -2.37 -5.82
CA THR B 344 36.93 -2.60 -6.00
C THR B 344 37.18 -3.78 -6.94
N GLY B 345 38.08 -3.55 -7.91
CA GLY B 345 38.43 -4.56 -8.91
C GLY B 345 39.39 -5.62 -8.43
N SER B 346 39.66 -6.60 -9.30
CA SER B 346 40.51 -7.75 -9.02
C SER B 346 40.26 -8.40 -7.64
N VAL B 347 39.01 -8.35 -7.22
CA VAL B 347 38.54 -9.04 -6.02
C VAL B 347 37.28 -9.80 -6.40
N ILE B 348 37.23 -11.09 -6.06
CA ILE B 348 36.03 -11.88 -6.29
C ILE B 348 35.10 -11.79 -5.08
N TYR B 349 33.84 -11.44 -5.35
CA TYR B 349 32.84 -11.25 -4.31
C TYR B 349 31.82 -12.39 -4.28
N GLU B 350 31.12 -12.47 -3.16
CA GLU B 350 30.01 -13.39 -2.98
C GLU B 350 28.88 -12.66 -2.24
N ALA B 351 27.65 -12.97 -2.61
CA ALA B 351 26.51 -12.31 -1.99
C ALA B 351 25.55 -13.30 -1.38
N GLN B 352 25.00 -12.92 -0.22
CA GLN B 352 23.84 -13.62 0.32
C GLN B 352 22.62 -12.71 0.22
N ASP B 353 21.56 -13.24 -0.41
CA ASP B 353 20.26 -12.58 -0.47
C ASP B 353 19.69 -12.61 0.94
N VAL B 354 19.46 -11.43 1.50
CA VAL B 354 19.06 -11.29 2.90
C VAL B 354 17.69 -11.92 3.21
N TYR B 355 16.76 -11.86 2.24
CA TYR B 355 15.43 -12.43 2.45
C TYR B 355 15.30 -13.92 2.08
N SER B 356 15.91 -14.34 0.97
CA SER B 356 15.78 -15.73 0.52
C SER B 356 16.85 -16.66 1.09
N GLY B 357 17.99 -16.09 1.48
CA GLY B 357 19.11 -16.88 2.00
C GLY B 357 20.02 -17.46 0.93
N ASP B 358 19.65 -17.28 -0.33
CA ASP B 358 20.45 -17.78 -1.45
C ASP B 358 21.82 -17.12 -1.53
N ILE B 359 22.80 -17.90 -2.01
CA ILE B 359 24.16 -17.42 -2.13
C ILE B 359 24.55 -17.32 -3.60
N ILE B 360 25.03 -16.15 -4.00
CA ILE B 360 25.51 -15.91 -5.34
C ILE B 360 27.03 -15.80 -5.27
N SER B 361 27.71 -16.74 -5.92
CA SER B 361 29.16 -16.84 -5.83
C SER B 361 29.84 -16.50 -7.16
N GLY B 362 31.08 -16.03 -7.08
CA GLY B 362 31.89 -15.80 -8.27
C GLY B 362 31.65 -14.47 -8.97
N LEU B 363 31.28 -13.46 -8.21
CA LEU B 363 31.01 -12.13 -8.76
C LEU B 363 32.29 -11.28 -8.80
N ARG B 364 32.83 -11.13 -10.01
CA ARG B 364 33.91 -10.17 -10.24
C ARG B 364 33.23 -8.86 -10.66
N ASP B 365 33.99 -7.77 -10.65
CA ASP B 365 33.47 -6.46 -11.08
C ASP B 365 32.76 -6.49 -12.43
N GLU B 366 33.29 -7.27 -13.36
CA GLU B 366 32.78 -7.30 -14.74
C GLU B 366 31.65 -8.30 -14.95
N THR B 367 31.32 -9.06 -13.91
CA THR B 367 30.31 -10.11 -14.03
C THR B 367 28.91 -9.52 -14.09
N ASN B 368 28.22 -9.79 -15.19
CA ASN B 368 26.82 -9.40 -15.34
C ASN B 368 25.92 -10.28 -14.49
N PHE B 369 25.09 -9.66 -13.68
CA PHE B 369 24.11 -10.39 -12.88
C PHE B 369 22.71 -9.81 -13.09
N THR B 370 21.72 -10.62 -12.73
CA THR B 370 20.33 -10.20 -12.85
C THR B 370 19.63 -10.42 -11.52
N VAL B 371 18.96 -9.36 -11.06
CA VAL B 371 18.05 -9.49 -9.92
C VAL B 371 16.63 -9.18 -10.35
N ILE B 372 15.69 -9.97 -9.86
CA ILE B 372 14.28 -9.79 -10.16
C ILE B 372 13.64 -9.05 -9.00
N ILE B 373 13.15 -7.85 -9.27
CA ILE B 373 12.62 -6.97 -8.25
C ILE B 373 11.12 -6.71 -8.45
N ASN B 374 10.36 -7.03 -7.43
CA ASN B 374 8.91 -6.84 -7.44
C ASN B 374 8.53 -5.36 -7.28
N PRO B 375 7.37 -4.96 -7.84
CA PRO B 375 6.93 -3.57 -7.73
C PRO B 375 6.84 -3.11 -6.29
N SER B 376 7.37 -1.93 -6.01
CA SER B 376 7.45 -1.37 -4.65
C SER B 376 8.09 -2.35 -3.68
N GLY B 377 9.07 -3.08 -4.18
CA GLY B 377 9.80 -4.08 -3.40
C GLY B 377 11.30 -3.98 -3.57
N VAL B 378 12.01 -4.88 -2.89
CA VAL B 378 13.47 -4.88 -2.90
C VAL B 378 14.07 -6.25 -3.12
N VAL B 379 15.32 -6.24 -3.58
CA VAL B 379 16.22 -7.38 -3.42
C VAL B 379 17.37 -6.85 -2.58
N MET B 380 17.73 -7.57 -1.53
CA MET B 380 18.83 -7.13 -0.68
C MET B 380 19.94 -8.17 -0.60
N TRP B 381 21.17 -7.68 -0.80
CA TRP B 381 22.38 -8.48 -0.78
C TRP B 381 23.31 -8.10 0.36
N TYR B 382 23.79 -9.10 1.08
CA TYR B 382 24.95 -8.96 1.94
C TYR B 382 26.15 -9.42 1.10
N LEU B 383 27.02 -8.47 0.77
CA LEU B 383 28.14 -8.72 -0.15
C LEU B 383 29.49 -8.69 0.55
N TYR B 384 30.36 -9.63 0.20
CA TYR B 384 31.68 -9.78 0.84
C TYR B 384 32.71 -10.42 -0.10
N PRO B 385 34.00 -10.08 0.08
CA PRO B 385 35.04 -10.73 -0.73
C PRO B 385 35.27 -12.17 -0.30
N ILE B 386 35.46 -13.07 -1.26
CA ILE B 386 35.87 -14.44 -0.96
C ILE B 386 37.34 -14.72 -1.31
N LYS B 387 37.77 -14.31 -2.50
CA LYS B 387 39.18 -14.37 -2.92
C LYS B 387 39.40 -13.64 -4.24
C1 NAG C . -1.33 7.90 -38.72
C2 NAG C . -0.86 9.28 -38.24
C3 NAG C . -0.70 10.27 -39.40
C4 NAG C . -0.04 9.62 -40.61
C5 NAG C . -0.83 8.35 -40.98
C6 NAG C . -0.42 7.68 -42.29
C7 NAG C . -1.66 9.92 -35.98
C8 NAG C . -2.74 10.65 -35.24
N2 NAG C . -1.82 9.83 -37.31
O3 NAG C . 0.07 11.37 -38.96
O4 NAG C . 0.05 10.53 -41.69
O5 NAG C . -0.68 7.46 -39.90
O6 NAG C . 0.94 7.32 -42.25
O7 NAG C . -0.71 9.44 -35.36
C1 NAG C . 1.44 10.83 -41.98
C2 NAG C . 1.58 11.53 -43.33
C3 NAG C . 3.00 12.08 -43.59
C4 NAG C . 3.73 12.59 -42.34
C5 NAG C . 3.47 11.70 -41.13
C6 NAG C . 4.14 12.21 -39.86
C7 NAG C . -0.01 10.43 -44.88
C8 NAG C . -0.20 9.24 -45.78
N2 NAG C . 1.23 10.61 -44.41
O3 NAG C . 2.92 13.12 -44.53
O4 NAG C . 5.10 12.65 -42.61
O5 NAG C . 2.07 11.59 -40.94
O6 NAG C . 3.34 13.19 -39.22
O7 NAG C . -0.96 11.17 -44.63
C1 NAG D . -27.29 -5.31 -33.46
C2 NAG D . -27.44 -6.35 -32.34
C3 NAG D . -28.91 -6.59 -32.03
C4 NAG D . -29.70 -5.30 -31.86
C5 NAG D . -29.44 -4.38 -33.04
C6 NAG D . -30.17 -3.04 -32.94
C7 NAG D . -25.57 -7.99 -32.38
C8 NAG D . -25.10 -9.28 -32.96
N2 NAG D . -26.82 -7.63 -32.68
O3 NAG D . -29.00 -7.39 -30.86
O4 NAG D . -31.08 -5.60 -31.78
O5 NAG D . -28.04 -4.15 -33.17
O6 NAG D . -29.61 -2.26 -31.92
O7 NAG D . -24.80 -7.32 -31.67
C1 NAG D . -31.63 -5.37 -30.46
C2 NAG D . -33.13 -5.10 -30.56
C3 NAG D . -33.78 -4.97 -29.19
C4 NAG D . -33.35 -6.09 -28.24
C5 NAG D . -31.82 -6.21 -28.27
C6 NAG D . -31.28 -7.31 -27.35
C7 NAG D . -33.87 -3.95 -32.59
C8 NAG D . -34.08 -2.62 -33.26
N2 NAG D . -33.40 -3.90 -31.35
O3 NAG D . -35.19 -4.99 -29.35
O4 NAG D . -33.80 -5.76 -26.94
O5 NAG D . -31.39 -6.47 -29.60
O6 NAG D . -31.73 -8.58 -27.75
O7 NAG D . -34.12 -5.00 -33.18
C1 BMA D . -34.75 -6.71 -26.42
C2 BMA D . -34.81 -6.53 -24.91
C3 BMA D . -35.86 -7.45 -24.27
C4 BMA D . -37.20 -7.35 -24.99
C5 BMA D . -37.02 -7.54 -26.49
C6 BMA D . -38.36 -7.39 -27.22
O2 BMA D . -35.09 -5.15 -24.62
O3 BMA D . -36.08 -7.17 -22.87
O4 BMA D . -38.10 -8.34 -24.47
O5 BMA D . -36.06 -6.61 -27.01
O6 BMA D . -38.23 -6.43 -28.26
C1 MAN D . -34.93 -7.49 -22.06
C2 MAN D . -35.08 -8.84 -21.32
C3 MAN D . -35.93 -8.74 -20.04
C4 MAN D . -35.69 -7.47 -19.24
C5 MAN D . -35.63 -6.25 -20.16
C6 MAN D . -35.35 -4.95 -19.41
O2 MAN D . -33.81 -9.37 -21.03
O3 MAN D . -35.69 -9.87 -19.22
O4 MAN D . -36.71 -7.32 -18.28
O5 MAN D . -34.63 -6.45 -21.14
O6 MAN D . -36.38 -4.03 -19.69
C1 MAN D . -39.31 -6.55 -29.23
C2 MAN D . -38.81 -7.17 -30.54
C3 MAN D . -37.84 -6.24 -31.26
C4 MAN D . -38.29 -4.77 -31.29
C5 MAN D . -38.97 -4.33 -29.99
C6 MAN D . -39.70 -3.00 -30.15
O2 MAN D . -39.92 -7.47 -31.37
O3 MAN D . -37.64 -6.69 -32.59
O4 MAN D . -37.17 -3.97 -31.51
O5 MAN D . -39.90 -5.29 -29.52
O6 MAN D . -40.20 -2.59 -28.89
C1 NAG E . 3.53 29.37 25.40
C2 NAG E . 3.12 30.31 24.26
C3 NAG E . 3.29 31.80 24.61
C4 NAG E . 2.94 32.15 26.07
C5 NAG E . 3.45 31.06 27.01
C6 NAG E . 3.11 31.27 28.49
C7 NAG E . 3.36 29.97 21.85
C8 NAG E . 3.81 31.03 20.88
N2 NAG E . 3.90 30.01 23.07
O3 NAG E . 2.49 32.56 23.74
O4 NAG E . 3.52 33.40 26.41
O5 NAG E . 2.94 29.82 26.60
O6 NAG E . 1.84 31.86 28.68
O7 NAG E . 2.54 29.12 21.50
C1 NAG E . 2.52 34.45 26.51
C2 NAG E . 2.90 35.42 27.65
C3 NAG E . 1.95 36.61 27.71
C4 NAG E . 1.74 37.24 26.34
C5 NAG E . 1.41 36.18 25.28
C6 NAG E . 1.31 36.79 23.89
C7 NAG E . 3.86 34.95 29.85
C8 NAG E . 3.37 35.51 31.16
N2 NAG E . 2.93 34.72 28.92
O3 NAG E . 2.45 37.58 28.60
O4 NAG E . 0.71 38.20 26.41
O5 NAG E . 2.38 35.15 25.29
O6 NAG E . 0.98 35.79 22.95
O7 NAG E . 5.05 34.70 29.69
C1 FUC E . 0.81 30.87 28.88
C2 FUC E . 0.45 30.69 30.36
C3 FUC E . -0.37 31.88 30.87
C4 FUC E . -1.55 32.21 29.94
C5 FUC E . -1.05 32.32 28.50
C6 FUC E . -2.19 32.62 27.51
O2 FUC E . 1.61 30.51 31.15
O3 FUC E . -0.84 31.62 32.18
O4 FUC E . -2.53 31.19 30.03
O5 FUC E . -0.36 31.14 28.12
C1 NAG F . 27.62 13.54 30.61
C2 NAG F . 27.49 12.02 30.66
C3 NAG F . 28.86 11.32 30.67
C4 NAG F . 29.78 11.89 29.59
C5 NAG F . 29.77 13.41 29.62
C6 NAG F . 30.57 14.00 28.46
C7 NAG F . 25.45 11.17 31.73
C8 NAG F . 24.90 10.49 32.94
N2 NAG F . 26.71 11.61 31.83
O3 NAG F . 28.68 9.93 30.49
O4 NAG F . 31.11 11.42 29.79
O5 NAG F . 28.44 13.90 29.53
O6 NAG F . 30.50 15.41 28.53
O7 NAG F . 24.76 11.29 30.72
C1 NAG F . 31.51 10.49 28.77
C2 NAG F . 33.04 10.51 28.62
C3 NAG F . 33.58 9.39 27.71
C4 NAG F . 32.86 8.05 27.90
C5 NAG F . 31.34 8.25 28.02
C6 NAG F . 30.60 6.95 28.32
C7 NAG F . 34.02 12.77 28.81
C8 NAG F . 34.35 14.04 28.08
N2 NAG F . 33.48 11.79 28.07
O3 NAG F . 34.95 9.23 27.97
O4 NAG F . 33.13 7.23 26.78
O5 NAG F . 31.06 9.18 29.06
O6 NAG F . 30.79 6.56 29.65
O7 NAG F . 34.23 12.68 30.01
C1 BMA F . 33.91 6.08 27.14
C2 BMA F . 33.68 4.95 26.13
C3 BMA F . 34.52 3.72 26.47
C4 BMA F . 35.98 4.09 26.76
C5 BMA F . 36.08 5.28 27.73
C6 BMA F . 37.52 5.73 27.93
O2 BMA F . 33.98 5.41 24.81
O3 BMA F . 34.51 2.77 25.38
O4 BMA F . 36.68 2.95 27.30
O5 BMA F . 35.30 6.37 27.24
O6 BMA F . 37.86 6.71 26.94
C1 MAN F . 33.46 1.79 25.52
C2 MAN F . 33.96 0.49 26.16
C3 MAN F . 34.74 -0.39 25.17
C4 MAN F . 34.04 -0.50 23.82
C5 MAN F . 33.62 0.89 23.32
C6 MAN F . 32.87 0.81 21.99
O2 MAN F . 32.85 -0.23 26.67
O3 MAN F . 34.91 -1.69 25.71
O4 MAN F . 34.91 -1.12 22.90
O5 MAN F . 32.80 1.52 24.29
O6 MAN F . 33.64 1.45 21.00
C1 MAN F . 38.96 7.50 27.43
C2 MAN F . 38.49 8.90 27.84
C3 MAN F . 38.29 9.82 26.62
C4 MAN F . 39.42 9.73 25.60
C5 MAN F . 39.84 8.27 25.33
C6 MAN F . 41.12 8.22 24.49
O2 MAN F . 39.40 9.47 28.76
O3 MAN F . 38.17 11.16 27.06
O4 MAN F . 38.99 10.33 24.40
O5 MAN F . 40.07 7.57 26.54
O6 MAN F . 40.84 7.65 23.23
C1 GOL G . 12.08 -13.51 -28.07
O1 GOL G . 12.23 -14.02 -26.77
C2 GOL G . 10.58 -13.37 -28.35
O2 GOL G . 10.32 -12.18 -29.06
C3 GOL G . 10.09 -14.58 -29.14
O3 GOL G . 9.20 -15.30 -28.33
C1 GOL H . 0.15 -26.14 -20.15
O1 GOL H . 1.17 -25.17 -20.15
C2 GOL H . -0.79 -25.89 -21.33
O2 GOL H . -0.90 -27.06 -22.10
C3 GOL H . -2.15 -25.46 -20.81
O3 GOL H . -2.97 -26.58 -20.59
C1 GOL I . 5.44 1.75 -33.73
O1 GOL I . 6.22 1.10 -34.70
C2 GOL I . 6.27 2.84 -33.06
O2 GOL I . 6.49 3.88 -33.99
C3 GOL I . 5.57 3.36 -31.83
O3 GOL I . 4.66 4.39 -32.20
C1 GOL J . 6.31 -3.99 -33.55
O1 GOL J . 5.78 -5.25 -33.89
C2 GOL J . 6.36 -3.87 -32.02
O2 GOL J . 7.47 -4.59 -31.54
C3 GOL J . 6.44 -2.40 -31.61
O3 GOL J . 7.74 -2.06 -31.20
C1 GOL K . -20.95 -13.42 -15.98
O1 GOL K . -20.88 -13.77 -14.62
C2 GOL K . -20.68 -11.94 -16.17
O2 GOL K . -19.39 -11.76 -16.72
C3 GOL K . -21.72 -11.36 -17.14
O3 GOL K . -21.73 -9.95 -17.08
C1 GOL L . -5.29 6.31 -20.39
O1 GOL L . -4.82 5.25 -21.20
C2 GOL L . -4.10 7.18 -20.03
O2 GOL L . -4.28 8.43 -20.64
C3 GOL L . -4.00 7.34 -18.52
O3 GOL L . -3.06 6.43 -17.97
C1 GOL M . 0.17 3.90 -20.57
O1 GOL M . -1.04 4.40 -20.05
C2 GOL M . -0.09 2.57 -21.28
O2 GOL M . -0.67 2.80 -22.53
C3 GOL M . 1.23 1.83 -21.46
O3 GOL M . 1.06 0.80 -22.41
C1 GOL N . -2.79 10.96 15.74
O1 GOL N . -2.18 12.06 15.10
C2 GOL N . -4.28 10.93 15.42
O2 GOL N . -4.80 9.66 15.73
C3 GOL N . -5.01 12.02 16.22
O3 GOL N . -5.12 11.64 17.57
C1 GOL O . 5.25 -19.40 -11.55
O1 GOL O . 3.91 -19.56 -11.98
C2 GOL O . 5.89 -18.25 -12.32
O2 GOL O . 5.04 -17.11 -12.28
C3 GOL O . 7.23 -17.89 -11.67
O3 GOL O . 8.12 -17.43 -12.66
C1 GOL P . -12.26 10.04 -2.19
O1 GOL P . -13.51 9.42 -2.05
C2 GOL P . -11.24 9.35 -1.30
O2 GOL P . -10.89 10.19 -0.21
C3 GOL P . -10.01 8.99 -2.12
O3 GOL P . -9.28 10.15 -2.44
F2A 7JZ Q . -6.32 0.46 -22.16
C2 7JZ Q . -5.11 0.93 -21.93
F2B 7JZ Q . -5.25 2.07 -21.29
C1 7JZ Q . -4.40 1.05 -23.30
C3 7JZ Q . -4.40 -0.01 -20.94
O3 7JZ Q . -5.35 -0.68 -20.09
C4 7JZ Q . -3.62 -1.03 -21.71
O4 7JZ Q . -4.58 -1.70 -22.56
C5 7JZ Q . -2.52 -0.34 -22.51
O5 7JZ Q . -2.98 0.93 -23.08
C6 7JZ Q . -1.96 -1.27 -23.58
O6 7JZ Q . -0.78 -0.73 -24.18
C1 NAG R . -27.86 7.40 20.19
C2 NAG R . -29.27 7.64 20.72
C3 NAG R . -29.48 9.14 20.93
C4 NAG R . -28.39 9.71 21.84
C5 NAG R . -26.98 9.30 21.38
C6 NAG R . -25.93 9.63 22.42
C7 NAG R . -31.29 6.33 20.28
C8 NAG R . -32.68 6.85 20.06
N2 NAG R . -30.29 7.11 19.84
O3 NAG R . -30.75 9.38 21.51
O4 NAG R . -28.51 11.12 21.88
O5 NAG R . -26.91 7.90 21.11
O6 NAG R . -25.63 11.02 22.41
O7 NAG R . -31.11 5.24 20.83
C1 GOL S . -12.17 6.72 30.37
O1 GOL S . -12.29 5.57 29.56
C2 GOL S . -10.70 6.97 30.67
O2 GOL S . -10.39 8.31 30.43
C3 GOL S . -10.41 6.60 32.12
O3 GOL S . -9.56 5.47 32.15
C1 GOL T . -4.78 24.78 24.75
O1 GOL T . -5.98 25.51 24.56
C2 GOL T . -4.97 23.36 24.21
O2 GOL T . -3.81 22.96 23.49
C3 GOL T . -5.23 22.40 25.36
O3 GOL T . -4.03 22.05 25.99
C1 GOL U . -4.83 16.62 27.74
O1 GOL U . -5.32 16.79 29.06
C2 GOL U . -5.97 16.48 26.74
O2 GOL U . -7.19 16.19 27.38
C3 GOL U . -6.10 17.74 25.88
O3 GOL U . -6.83 18.74 26.55
C1 GOL V . 6.68 17.22 12.71
O1 GOL V . 6.15 16.37 13.70
C2 GOL V . 5.54 17.82 11.92
O2 GOL V . 5.85 19.17 11.60
C3 GOL V . 5.31 17.04 10.63
O3 GOL V . 4.69 15.79 10.88
C1 GOL W . 6.21 1.86 -14.29
O1 GOL W . 6.09 1.91 -12.89
C2 GOL W . 4.90 2.35 -14.90
O2 GOL W . 5.06 2.48 -16.29
C3 GOL W . 3.81 1.33 -14.61
O3 GOL W . 3.38 1.45 -13.27
F2A 7JZ X . 7.22 13.11 17.55
C2 7JZ X . 5.97 13.38 17.19
F2B 7JZ X . 6.01 13.98 16.01
C1 7JZ X . 5.35 14.31 18.27
C3 7JZ X . 5.17 12.09 17.00
O3 7JZ X . 6.00 10.95 16.74
C4 7JZ X . 4.28 11.81 18.20
O4 7JZ X . 5.13 11.59 19.35
C5 7JZ X . 3.31 12.97 18.42
O5 7JZ X . 3.92 14.26 18.13
C6 7JZ X . 2.70 12.96 19.82
O6 7JZ X . 1.55 13.81 19.83
C1 NAG Y . 27.87 -7.91 -19.77
C2 NAG Y . 29.02 -8.26 -20.72
C3 NAG Y . 29.41 -7.09 -21.64
C4 NAG Y . 28.21 -6.26 -22.14
C5 NAG Y . 27.18 -6.04 -21.02
C6 NAG Y . 25.94 -5.30 -21.52
C7 NAG Y . 30.49 -9.95 -19.69
C8 NAG Y . 31.69 -10.18 -18.82
N2 NAG Y . 30.19 -8.67 -19.95
O3 NAG Y . 30.11 -7.60 -22.75
O4 NAG Y . 28.69 -5.02 -22.61
O5 NAG Y . 26.81 -7.29 -20.47
O6 NAG Y . 25.01 -6.20 -22.07
O7 NAG Y . 29.86 -10.91 -20.13
#